data_7BIL
#
_entry.id   7BIL
#
_cell.length_a   88.052
_cell.length_b   103.438
_cell.length_c   251.566
_cell.angle_alpha   90.000
_cell.angle_beta   90.000
_cell.angle_gamma   90.000
#
_symmetry.space_group_name_H-M   'C 2 2 21'
#
loop_
_entity.id
_entity.type
_entity.pdbx_description
1 polymer 'PIF1 helicase'
2 polymer "DNA (5'-D(*GP*GP*TP*TP*TP*GP*GP*TP*TP*TP*GP*GP*TP*T)-3')"
3 non-polymer "ADENOSINE-5'-DIPHOSPHATE"
4 non-polymer 'MAGNESIUM ION'
5 non-polymer 'TETRAFLUOROALUMINATE ION'
6 non-polymer 'POTASSIUM ION'
7 water water
#
loop_
_entity_poly.entity_id
_entity_poly.type
_entity_poly.pdbx_seq_one_letter_code
_entity_poly.pdbx_strand_id
1 'polypeptide(L)'
;MSHLLLFVTLLGAFGLGYLQGGPVLGLFLAGLGLLLGRGLRPARPSQVEEPPSPKADPEEVEETPEGLSSEQQRAFLAVT
QTPHPAHLITGPAGTGKTTLLYALQEFYKGRAVTLAPTGTAALQARGQTVHSFFRFPARLLRYRHPEDIRPPGPHSPLRK
AIEQMEVLILDEVGMVRVDLLEAMDWALRKTRKRLEEPFGGVKVLLLGDTRQLEPVVPGGEEALYIARTWGGPFFFQAHV
WEEVALRVHRLWESQRQREDPLFAELLKRLRQGDPQALETLNRAAVRPDGGEEPGTLILTPRRKEADALNLKRLEALPGK
PLEYQAQVKGEFAETDFPTEAALTLKKGAQVILLRNDPLGEYFNGDLGWVEDLEAEALAVRLKRNGRRVVIRPFVWEKIV
YTYDSEREEIKPQVVGTFRQVPVRLAWALTVHKAQGLTLDKVHLELGRGLFAHGQLYVALTRVRRLQDLSLSRPIAPTEL
LWRPEVEVFETRIQEGIWQKSHGWPSL
;
A,B
2 'polydeoxyribonucleotide' (DG)(DG)(DT)(DT)(DT)(DG)(DG)(DT)(DT)(DT)(DG)(DG)(DT)(DT) C
#
# COMPACT_ATOMS: atom_id res chain seq x y z
N GLY A 67 37.15 -15.12 -0.47
CA GLY A 67 36.72 -16.17 -1.38
C GLY A 67 36.10 -17.36 -0.67
N LEU A 68 35.50 -18.23 -1.45
CA LEU A 68 34.78 -19.38 -0.93
C LEU A 68 35.72 -20.39 -0.34
N SER A 69 35.24 -21.14 0.64
CA SER A 69 36.01 -22.30 1.09
C SER A 69 35.93 -23.39 0.04
N SER A 70 36.78 -24.40 0.17
CA SER A 70 36.83 -25.45 -0.85
C SER A 70 35.50 -26.22 -0.92
N GLU A 71 34.81 -26.43 0.21
CA GLU A 71 33.52 -27.12 0.14
C GLU A 71 32.43 -26.23 -0.50
N GLN A 72 32.53 -24.92 -0.33
CA GLN A 72 31.59 -23.99 -0.97
C GLN A 72 31.85 -23.96 -2.47
N GLN A 73 33.12 -24.01 -2.86
CA GLN A 73 33.49 -24.04 -4.27
C GLN A 73 33.03 -25.33 -4.91
N ARG A 74 33.17 -26.47 -4.21
CA ARG A 74 32.66 -27.71 -4.80
C ARG A 74 31.16 -27.63 -5.06
N ALA A 75 30.40 -27.04 -4.11
CA ALA A 75 28.96 -26.94 -4.26
C ALA A 75 28.59 -25.94 -5.35
N PHE A 76 29.38 -24.87 -5.49
CA PHE A 76 29.20 -23.91 -6.56
C PHE A 76 29.36 -24.59 -7.92
N LEU A 77 30.46 -25.33 -8.11
CA LEU A 77 30.67 -26.04 -9.36
C LEU A 77 29.61 -27.12 -9.59
N ALA A 78 29.25 -27.86 -8.54
CA ALA A 78 28.25 -28.94 -8.69
C ALA A 78 26.93 -28.40 -9.22
N VAL A 79 26.60 -27.16 -8.88
CA VAL A 79 25.30 -26.58 -9.20
C VAL A 79 25.34 -25.87 -10.54
N THR A 80 26.47 -25.26 -10.88
CA THR A 80 26.54 -24.43 -12.08
C THR A 80 27.04 -25.19 -13.32
N GLN A 81 27.69 -26.34 -13.16
CA GLN A 81 28.23 -27.09 -14.28
C GLN A 81 27.36 -28.25 -14.71
N THR A 82 26.23 -28.45 -14.07
CA THR A 82 25.32 -29.51 -14.46
C THR A 82 24.00 -28.91 -14.93
N PRO A 83 23.34 -29.50 -15.92
CA PRO A 83 22.03 -28.97 -16.31
C PRO A 83 20.89 -29.39 -15.40
N HIS A 84 21.08 -30.40 -14.53
CA HIS A 84 20.09 -30.91 -13.60
C HIS A 84 19.32 -29.79 -12.91
N PRO A 85 17.98 -29.79 -13.03
CA PRO A 85 17.18 -28.60 -12.67
C PRO A 85 16.85 -28.37 -11.20
N ALA A 86 17.19 -29.27 -10.27
CA ALA A 86 16.79 -29.08 -8.86
C ALA A 86 17.91 -29.46 -7.92
N HIS A 87 18.40 -28.48 -7.16
CA HIS A 87 19.51 -28.69 -6.24
C HIS A 87 19.17 -28.12 -4.88
N LEU A 88 19.73 -28.77 -3.85
CA LEU A 88 19.63 -28.34 -2.45
C LEU A 88 21.03 -28.24 -1.89
N ILE A 89 21.41 -27.06 -1.41
CA ILE A 89 22.65 -26.90 -0.65
C ILE A 89 22.27 -26.74 0.81
N THR A 90 22.63 -27.73 1.62
CA THR A 90 22.23 -27.75 3.01
C THR A 90 23.41 -28.02 3.92
N GLY A 91 23.26 -27.60 5.17
CA GLY A 91 24.28 -27.74 6.17
C GLY A 91 23.93 -26.94 7.41
N PRO A 92 24.66 -27.20 8.50
CA PRO A 92 24.39 -26.49 9.77
C PRO A 92 24.48 -24.97 9.65
N ALA A 93 23.99 -24.34 10.70
CA ALA A 93 23.90 -22.89 10.74
C ALA A 93 25.29 -22.29 10.55
N GLY A 94 25.42 -21.29 9.69
CA GLY A 94 26.71 -20.59 9.56
C GLY A 94 27.79 -21.30 8.77
N THR A 95 27.45 -22.31 7.98
CA THR A 95 28.40 -22.97 7.10
C THR A 95 28.66 -22.14 5.82
N GLY A 96 27.92 -21.06 5.62
CA GLY A 96 28.17 -20.21 4.48
C GLY A 96 27.26 -20.46 3.31
N LYS A 97 26.03 -20.88 3.57
CA LYS A 97 25.04 -21.16 2.54
C LYS A 97 24.68 -19.88 1.81
N THR A 98 24.34 -18.84 2.55
CA THR A 98 23.96 -17.58 1.95
C THR A 98 25.14 -16.90 1.28
N THR A 99 26.34 -17.07 1.82
CA THR A 99 27.53 -16.51 1.17
C THR A 99 27.78 -17.21 -0.17
N LEU A 100 27.55 -18.52 -0.23
CA LEU A 100 27.64 -19.21 -1.50
C LEU A 100 26.54 -18.71 -2.43
N LEU A 101 25.37 -18.36 -1.86
CA LEU A 101 24.29 -17.81 -2.67
C LEU A 101 24.76 -16.54 -3.37
N TYR A 102 25.56 -15.70 -2.67
CA TYR A 102 26.06 -14.47 -3.29
C TYR A 102 26.91 -14.78 -4.51
N ALA A 103 27.76 -15.82 -4.43
CA ALA A 103 28.53 -16.17 -5.61
C ALA A 103 27.62 -16.65 -6.73
N LEU A 104 26.55 -17.38 -6.38
CA LEU A 104 25.62 -17.80 -7.41
C LEU A 104 24.91 -16.59 -8.02
N GLN A 105 24.64 -15.53 -7.22
CA GLN A 105 24.07 -14.33 -7.82
C GLN A 105 25.04 -13.67 -8.75
N GLU A 106 26.31 -13.70 -8.42
CA GLU A 106 27.27 -13.09 -9.32
C GLU A 106 27.37 -13.92 -10.59
N PHE A 107 27.27 -15.25 -10.48
CA PHE A 107 27.41 -16.03 -11.68
C PHE A 107 26.21 -15.87 -12.64
N TYR A 108 24.97 -15.99 -12.12
CA TYR A 108 23.91 -16.25 -13.09
C TYR A 108 23.33 -15.05 -13.86
N LYS A 109 22.77 -14.15 -13.10
CA LYS A 109 22.63 -12.82 -12.60
C LYS A 109 22.04 -11.55 -13.24
N GLY A 110 21.56 -11.35 -14.49
CA GLY A 110 20.17 -11.20 -14.90
C GLY A 110 19.23 -12.37 -14.78
N ARG A 111 19.80 -13.55 -14.86
CA ARG A 111 19.08 -14.77 -15.19
C ARG A 111 18.44 -15.41 -13.98
N ALA A 112 18.84 -14.99 -12.79
CA ALA A 112 18.36 -15.57 -11.53
C ALA A 112 17.50 -14.59 -10.77
N VAL A 113 16.46 -15.12 -10.13
CA VAL A 113 15.63 -14.40 -9.19
C VAL A 113 15.89 -15.05 -7.81
N THR A 114 16.16 -14.24 -6.78
CA THR A 114 16.49 -14.75 -5.43
C THR A 114 15.32 -14.51 -4.49
N LEU A 115 14.78 -15.57 -3.91
CA LEU A 115 13.67 -15.43 -2.97
C LEU A 115 13.98 -16.09 -1.62
N ALA A 116 13.16 -15.74 -0.63
CA ALA A 116 13.22 -16.30 0.71
C ALA A 116 11.84 -16.17 1.35
N PRO A 117 11.48 -17.08 2.27
CA PRO A 117 10.14 -17.00 2.88
C PRO A 117 9.92 -15.79 3.81
N THR A 118 10.95 -15.28 4.51
CA THR A 118 10.73 -14.17 5.44
C THR A 118 11.38 -12.89 4.93
N GLY A 119 10.89 -11.77 5.45
CA GLY A 119 11.49 -10.49 5.07
C GLY A 119 12.94 -10.38 5.49
N THR A 120 13.27 -10.81 6.73
CA THR A 120 14.66 -10.71 7.16
C THR A 120 15.53 -11.65 6.33
N ALA A 121 15.05 -12.85 6.06
CA ALA A 121 15.86 -13.76 5.24
C ALA A 121 16.01 -13.24 3.81
N ALA A 122 15.00 -12.54 3.28
CA ALA A 122 15.06 -12.00 1.91
C ALA A 122 16.13 -10.91 1.82
N LEU A 123 16.17 -10.01 2.81
CA LEU A 123 17.15 -8.92 2.83
C LEU A 123 18.56 -9.49 2.98
N GLN A 124 18.74 -10.53 3.77
CA GLN A 124 20.06 -11.13 3.98
C GLN A 124 20.55 -11.78 2.69
N ALA A 125 19.62 -12.40 1.95
CA ALA A 125 19.89 -13.05 0.66
C ALA A 125 19.93 -12.01 -0.48
N ARG A 126 19.60 -10.75 -0.20
CA ARG A 126 19.57 -9.69 -1.20
C ARG A 126 18.57 -9.99 -2.31
N GLY A 127 17.43 -10.58 -1.95
CA GLY A 127 16.34 -10.86 -2.87
C GLY A 127 15.06 -10.32 -2.24
N GLN A 128 13.96 -11.01 -2.47
CA GLN A 128 12.69 -10.56 -1.95
C GLN A 128 11.92 -11.77 -1.43
N THR A 129 10.83 -11.55 -0.71
CA THR A 129 10.04 -12.69 -0.27
C THR A 129 9.40 -13.38 -1.47
N VAL A 130 9.11 -14.67 -1.29
CA VAL A 130 8.35 -15.37 -2.31
C VAL A 130 7.02 -14.70 -2.55
N HIS A 131 6.37 -14.29 -1.46
CA HIS A 131 5.06 -13.67 -1.59
C HIS A 131 5.09 -12.42 -2.45
N SER A 132 6.06 -11.53 -2.21
CA SER A 132 6.03 -10.29 -2.98
C SER A 132 6.35 -10.51 -4.44
N PHE A 133 7.22 -11.48 -4.77
CA PHE A 133 7.55 -11.71 -6.16
C PHE A 133 6.35 -12.28 -6.93
N PHE A 134 5.77 -13.37 -6.43
CA PHE A 134 4.65 -14.01 -7.10
C PHE A 134 3.32 -13.34 -6.84
N ARG A 135 3.28 -12.36 -5.94
CA ARG A 135 2.03 -11.68 -5.61
C ARG A 135 1.04 -12.66 -4.95
N PHE A 136 1.55 -13.56 -4.09
CA PHE A 136 0.68 -14.52 -3.41
C PHE A 136 0.01 -13.86 -2.21
N PRO A 137 -1.26 -14.17 -1.94
CA PRO A 137 -1.89 -13.67 -0.70
C PRO A 137 -1.30 -14.33 0.55
N ALA A 138 -1.34 -13.57 1.64
CA ALA A 138 -0.80 -14.01 2.93
C ALA A 138 -1.77 -14.96 3.62
N ARG A 139 -1.97 -16.12 3.01
CA ARG A 139 -2.89 -17.14 3.50
C ARG A 139 -2.52 -18.49 2.90
N LEU A 140 -3.22 -19.54 3.35
CA LEU A 140 -3.03 -20.86 2.78
C LEU A 140 -3.22 -20.85 1.26
N LEU A 141 -2.28 -21.48 0.55
CA LEU A 141 -2.32 -21.61 -0.91
C LEU A 141 -2.77 -23.04 -1.25
N ARG A 142 -4.07 -23.20 -1.48
CA ARG A 142 -4.65 -24.48 -1.84
C ARG A 142 -3.99 -25.05 -3.10
N TYR A 143 -3.78 -26.37 -3.12
CA TYR A 143 -3.01 -26.99 -4.18
C TYR A 143 -3.58 -26.62 -5.54
N ARG A 144 -2.78 -25.91 -6.33
CA ARG A 144 -3.06 -25.52 -7.70
C ARG A 144 -4.41 -24.83 -7.79
N HIS A 145 -4.83 -24.14 -6.74
CA HIS A 145 -6.15 -23.47 -6.73
C HIS A 145 -6.12 -22.18 -7.54
N PRO A 146 -7.00 -22.02 -8.52
CA PRO A 146 -7.00 -20.77 -9.32
C PRO A 146 -7.25 -19.50 -8.52
N GLU A 147 -8.04 -19.54 -7.42
CA GLU A 147 -8.28 -18.33 -6.63
C GLU A 147 -7.10 -17.91 -5.77
N ASP A 148 -6.15 -18.81 -5.52
CA ASP A 148 -4.98 -18.50 -4.71
C ASP A 148 -3.73 -18.29 -5.55
N ILE A 149 -3.59 -19.01 -6.66
CA ILE A 149 -2.40 -18.96 -7.52
C ILE A 149 -2.83 -18.33 -8.84
N ARG A 150 -2.55 -17.05 -8.98
CA ARG A 150 -3.02 -16.30 -10.13
C ARG A 150 -1.84 -15.87 -11.01
N PRO A 151 -1.72 -16.39 -12.23
CA PRO A 151 -0.63 -15.94 -13.11
C PRO A 151 -0.77 -14.45 -13.39
N PRO A 152 0.34 -13.77 -13.64
CA PRO A 152 0.26 -12.34 -13.94
C PRO A 152 -0.42 -12.08 -15.28
N GLY A 153 -0.92 -10.85 -15.43
CA GLY A 153 -1.56 -10.37 -16.64
C GLY A 153 -0.69 -10.46 -17.88
N PRO A 154 -1.33 -10.33 -19.05
CA PRO A 154 -0.58 -10.53 -20.31
C PRO A 154 0.54 -9.53 -20.55
N HIS A 155 0.48 -8.33 -19.99
CA HIS A 155 1.54 -7.36 -20.26
C HIS A 155 2.29 -6.95 -18.99
N SER A 156 2.13 -7.68 -17.91
CA SER A 156 2.69 -7.29 -16.63
C SER A 156 4.21 -7.46 -16.59
N PRO A 157 4.91 -6.60 -15.87
CA PRO A 157 6.35 -6.82 -15.69
C PRO A 157 6.67 -8.14 -15.00
N LEU A 158 5.76 -8.65 -14.18
CA LEU A 158 6.03 -9.93 -13.53
C LEU A 158 6.00 -11.09 -14.53
N ARG A 159 5.07 -11.07 -15.52
CA ARG A 159 5.06 -12.09 -16.57
C ARG A 159 6.37 -12.10 -17.34
N LYS A 160 6.87 -10.91 -17.69
CA LYS A 160 8.13 -10.80 -18.41
C LYS A 160 9.28 -11.38 -17.58
N ALA A 161 9.29 -11.09 -16.28
CA ALA A 161 10.31 -11.63 -15.38
C ALA A 161 10.24 -13.15 -15.31
N ILE A 162 9.04 -13.71 -15.18
CA ILE A 162 8.89 -15.15 -15.06
C ILE A 162 9.27 -15.85 -16.38
N GLU A 163 8.86 -15.28 -17.52
CA GLU A 163 9.14 -15.92 -18.80
C GLU A 163 10.65 -15.88 -19.12
N GLN A 164 11.33 -14.78 -18.75
CA GLN A 164 12.76 -14.65 -19.02
C GLN A 164 13.65 -15.38 -18.01
N MET A 165 13.18 -15.54 -16.77
CA MET A 165 13.89 -16.24 -15.69
C MET A 165 14.47 -17.59 -16.14
N GLU A 166 15.71 -17.85 -15.77
CA GLU A 166 16.29 -19.18 -15.95
C GLU A 166 16.56 -19.90 -14.63
N VAL A 167 16.89 -19.18 -13.58
CA VAL A 167 17.25 -19.79 -12.28
C VAL A 167 16.46 -19.09 -11.20
N LEU A 168 15.93 -19.87 -10.29
CA LEU A 168 15.30 -19.37 -9.09
C LEU A 168 16.16 -19.85 -7.92
N ILE A 169 16.66 -18.92 -7.11
CA ILE A 169 17.44 -19.25 -5.91
C ILE A 169 16.54 -19.02 -4.71
N LEU A 170 16.30 -20.07 -3.93
CA LEU A 170 15.41 -20.00 -2.77
C LEU A 170 16.18 -20.24 -1.47
N ASP A 171 16.44 -19.18 -0.70
CA ASP A 171 17.20 -19.31 0.55
C ASP A 171 16.27 -19.60 1.75
N GLU A 172 16.87 -20.06 2.84
CA GLU A 172 16.11 -20.47 4.03
C GLU A 172 14.92 -21.38 3.71
N VAL A 173 15.18 -22.36 2.84
CA VAL A 173 14.14 -23.23 2.30
C VAL A 173 13.47 -24.00 3.41
N GLY A 174 14.16 -24.20 4.54
CA GLY A 174 13.57 -24.90 5.67
C GLY A 174 12.37 -24.19 6.25
N MET A 175 12.30 -22.88 6.07
CA MET A 175 11.13 -22.18 6.57
C MET A 175 10.03 -22.05 5.50
N VAL A 176 10.22 -22.63 4.31
CA VAL A 176 9.23 -22.50 3.23
C VAL A 176 8.21 -23.59 3.47
N ARG A 177 6.96 -23.20 3.72
CA ARG A 177 5.92 -24.21 3.93
C ARG A 177 5.54 -24.88 2.60
N VAL A 178 5.15 -26.14 2.69
CA VAL A 178 4.88 -26.98 1.53
C VAL A 178 3.94 -26.31 0.52
N ASP A 179 2.88 -25.64 1.01
CA ASP A 179 1.93 -24.97 0.09
C ASP A 179 2.59 -23.84 -0.69
N LEU A 180 3.53 -23.14 -0.06
CA LEU A 180 4.25 -22.05 -0.70
C LEU A 180 5.13 -22.58 -1.83
N LEU A 181 5.84 -23.69 -1.57
CA LEU A 181 6.71 -24.28 -2.58
C LEU A 181 5.87 -24.77 -3.76
N GLU A 182 4.77 -25.44 -3.46
CA GLU A 182 3.89 -25.95 -4.51
C GLU A 182 3.31 -24.82 -5.33
N ALA A 183 2.99 -23.69 -4.69
CA ALA A 183 2.38 -22.58 -5.44
C ALA A 183 3.38 -21.96 -6.40
N MET A 184 4.67 -21.96 -6.01
CA MET A 184 5.73 -21.48 -6.86
C MET A 184 5.86 -22.39 -8.06
N ASP A 185 5.83 -23.69 -7.84
CA ASP A 185 5.90 -24.61 -8.95
C ASP A 185 4.74 -24.37 -9.91
N TRP A 186 3.50 -24.31 -9.39
CA TRP A 186 2.36 -24.17 -10.29
C TRP A 186 2.38 -22.81 -10.96
N ALA A 187 2.65 -21.75 -10.22
CA ALA A 187 2.66 -20.43 -10.82
C ALA A 187 3.68 -20.34 -11.96
N LEU A 188 4.84 -20.99 -11.82
CA LEU A 188 5.84 -20.97 -12.88
C LEU A 188 5.37 -21.79 -14.06
N ARG A 189 4.73 -22.93 -13.81
CA ARG A 189 4.24 -23.74 -14.93
C ARG A 189 3.19 -22.98 -15.73
N LYS A 190 2.24 -22.36 -15.04
CA LYS A 190 1.12 -21.68 -15.70
C LYS A 190 1.62 -20.50 -16.51
N THR A 191 2.44 -19.65 -15.90
CA THR A 191 2.90 -18.44 -16.57
C THR A 191 3.72 -18.77 -17.81
N ARG A 192 4.67 -19.71 -17.68
CA ARG A 192 5.50 -20.13 -18.81
C ARG A 192 4.81 -21.10 -19.75
N LYS A 193 3.60 -21.54 -19.41
CA LYS A 193 2.82 -22.45 -20.23
C LYS A 193 3.57 -23.75 -20.49
N ARG A 194 4.21 -24.29 -19.45
CA ARG A 194 4.77 -25.64 -19.49
C ARG A 194 4.25 -26.35 -18.26
N LEU A 195 3.08 -26.95 -18.41
CA LEU A 195 2.47 -27.76 -17.36
C LEU A 195 3.19 -29.07 -17.08
N GLU A 196 4.05 -29.50 -17.99
CA GLU A 196 4.71 -30.80 -17.87
C GLU A 196 6.09 -30.71 -17.24
N GLU A 197 6.63 -29.51 -17.08
CA GLU A 197 7.96 -29.36 -16.50
C GLU A 197 7.89 -28.82 -15.09
N PRO A 198 8.55 -29.46 -14.14
CA PRO A 198 8.59 -28.95 -12.77
C PRO A 198 9.15 -27.53 -12.76
N PHE A 199 8.45 -26.62 -12.07
CA PHE A 199 8.82 -25.21 -12.04
C PHE A 199 8.85 -24.57 -13.43
N GLY A 200 8.09 -25.13 -14.36
CA GLY A 200 8.05 -24.65 -15.73
C GLY A 200 9.37 -24.67 -16.46
N GLY A 201 10.31 -25.51 -16.05
CA GLY A 201 11.61 -25.57 -16.68
C GLY A 201 12.66 -24.65 -16.09
N VAL A 202 12.31 -23.89 -15.05
CA VAL A 202 13.27 -23.06 -14.33
C VAL A 202 14.14 -23.97 -13.47
N LYS A 203 15.46 -23.75 -13.49
CA LYS A 203 16.37 -24.46 -12.58
C LYS A 203 16.24 -23.88 -11.16
N VAL A 204 15.92 -24.71 -10.16
CA VAL A 204 15.78 -24.23 -8.78
C VAL A 204 16.97 -24.66 -7.95
N LEU A 205 17.53 -23.70 -7.19
CA LEU A 205 18.67 -23.89 -6.28
C LEU A 205 18.16 -23.55 -4.89
N LEU A 206 17.91 -24.57 -4.07
CA LEU A 206 17.40 -24.38 -2.72
C LEU A 206 18.57 -24.43 -1.75
N LEU A 207 18.52 -23.56 -0.74
CA LEU A 207 19.50 -23.54 0.32
C LEU A 207 18.76 -23.38 1.63
N GLY A 208 19.19 -24.11 2.65
CA GLY A 208 18.56 -23.99 3.96
C GLY A 208 19.01 -25.08 4.91
N ASP A 209 18.24 -25.25 5.96
CA ASP A 209 18.60 -26.24 6.98
C ASP A 209 17.32 -26.65 7.67
N THR A 210 16.98 -27.95 7.58
CA THR A 210 15.75 -28.41 8.21
C THR A 210 15.84 -28.54 9.73
N ARG A 211 17.04 -28.44 10.31
CA ARG A 211 17.20 -28.41 11.77
C ARG A 211 17.03 -27.02 12.35
N GLN A 212 16.79 -26.01 11.51
CA GLN A 212 16.40 -24.67 11.91
C GLN A 212 14.88 -24.60 11.84
N LEU A 213 14.31 -23.41 12.02
CA LEU A 213 12.87 -23.23 12.28
C LEU A 213 12.00 -23.93 11.24
N GLU A 214 11.02 -24.68 11.74
CA GLU A 214 10.03 -25.33 10.89
C GLU A 214 9.05 -24.26 10.35
N PRO A 215 8.29 -24.59 9.32
CA PRO A 215 7.34 -23.60 8.79
C PRO A 215 6.25 -23.29 9.79
N VAL A 216 5.67 -22.11 9.66
CA VAL A 216 4.61 -21.70 10.58
C VAL A 216 3.28 -22.29 10.12
N VAL A 217 2.61 -23.01 11.01
CA VAL A 217 1.32 -23.61 10.72
C VAL A 217 0.33 -23.25 11.81
N PRO A 218 -0.51 -22.23 11.63
CA PRO A 218 -1.53 -21.91 12.65
C PRO A 218 -2.61 -22.99 12.68
N GLY A 219 -3.37 -23.00 13.76
CA GLY A 219 -4.34 -24.05 13.98
C GLY A 219 -5.49 -24.08 12.98
N GLY A 220 -6.41 -24.98 13.26
CA GLY A 220 -7.69 -25.07 12.62
C GLY A 220 -7.62 -25.73 11.27
N GLU A 221 -8.63 -25.39 10.46
CA GLU A 221 -8.83 -26.00 9.15
C GLU A 221 -7.60 -25.88 8.29
N GLU A 222 -6.84 -24.81 8.46
CA GLU A 222 -5.64 -24.64 7.66
C GLU A 222 -4.63 -25.75 7.97
N ALA A 223 -4.49 -26.11 9.24
CA ALA A 223 -3.59 -27.21 9.62
C ALA A 223 -4.09 -28.55 9.11
N LEU A 224 -5.41 -28.79 9.18
CA LEU A 224 -5.99 -30.03 8.71
C LEU A 224 -5.83 -30.19 7.20
N TYR A 225 -6.02 -29.10 6.45
CA TYR A 225 -5.85 -29.15 4.99
C TYR A 225 -4.42 -29.54 4.59
N ILE A 226 -3.42 -28.90 5.20
CA ILE A 226 -2.02 -29.24 4.91
C ILE A 226 -1.75 -30.71 5.23
N ALA A 227 -2.17 -31.15 6.42
CA ALA A 227 -2.04 -32.56 6.80
C ALA A 227 -2.66 -33.49 5.75
N ARG A 228 -3.87 -33.19 5.29
CA ARG A 228 -4.56 -34.08 4.35
C ARG A 228 -3.89 -34.04 2.98
N THR A 229 -3.49 -32.85 2.52
CA THR A 229 -3.03 -32.69 1.15
C THR A 229 -1.59 -33.16 0.95
N TRP A 230 -0.71 -32.87 1.90
CA TRP A 230 0.70 -33.20 1.75
C TRP A 230 1.26 -34.16 2.80
N GLY A 231 0.57 -34.36 3.93
CA GLY A 231 1.07 -35.20 5.01
C GLY A 231 1.89 -34.47 6.08
N GLY A 232 2.16 -33.20 5.90
CA GLY A 232 2.85 -32.37 6.86
C GLY A 232 3.25 -31.10 6.14
N PRO A 233 3.89 -30.17 6.85
CA PRO A 233 4.14 -28.83 6.30
C PRO A 233 5.46 -28.57 5.59
N PHE A 234 6.40 -29.51 5.62
CA PHE A 234 7.76 -29.25 5.12
C PHE A 234 7.85 -29.19 3.60
N PHE A 235 8.81 -28.38 3.13
CA PHE A 235 9.03 -28.20 1.69
C PHE A 235 9.31 -29.52 1.00
N PHE A 236 9.92 -30.49 1.69
CA PHE A 236 10.26 -31.76 1.06
C PHE A 236 9.06 -32.68 0.92
N GLN A 237 7.91 -32.32 1.47
CA GLN A 237 6.71 -33.13 1.29
C GLN A 237 5.90 -32.69 0.08
N ALA A 238 6.43 -31.76 -0.73
CA ALA A 238 5.75 -31.27 -1.92
C ALA A 238 5.66 -32.33 -3.02
N HIS A 239 4.50 -32.43 -3.66
CA HIS A 239 4.31 -33.41 -4.72
C HIS A 239 5.24 -33.18 -5.92
N VAL A 240 5.78 -31.97 -6.09
CA VAL A 240 6.70 -31.73 -7.20
C VAL A 240 7.89 -32.69 -7.14
N TRP A 241 8.30 -33.12 -5.94
CA TRP A 241 9.47 -33.99 -5.80
C TRP A 241 9.17 -35.41 -6.28
N GLU A 242 7.95 -35.67 -6.72
CA GLU A 242 7.63 -36.94 -7.34
C GLU A 242 7.99 -36.94 -8.81
N GLU A 243 8.16 -35.75 -9.40
CA GLU A 243 8.45 -35.56 -10.82
C GLU A 243 9.91 -35.25 -11.11
N VAL A 244 10.67 -34.71 -10.15
CA VAL A 244 12.07 -34.36 -10.38
C VAL A 244 12.84 -34.67 -9.09
N ALA A 245 14.02 -35.28 -9.26
CA ALA A 245 14.90 -35.58 -8.14
C ALA A 245 15.63 -34.32 -7.69
N LEU A 246 15.82 -34.20 -6.37
CA LEU A 246 16.51 -33.08 -5.75
C LEU A 246 17.93 -33.53 -5.40
N ARG A 247 18.91 -32.94 -6.08
CA ARG A 247 20.30 -33.30 -5.85
C ARG A 247 20.81 -32.53 -4.62
N VAL A 248 21.37 -33.23 -3.65
CA VAL A 248 21.75 -32.64 -2.35
C VAL A 248 23.26 -32.44 -2.25
N HIS A 249 23.65 -31.22 -1.88
CA HIS A 249 25.04 -30.85 -1.63
C HIS A 249 25.17 -30.35 -0.19
N ARG A 250 26.14 -30.90 0.54
CA ARG A 250 26.30 -30.62 1.97
C ARG A 250 27.47 -29.69 2.23
N LEU A 251 27.30 -28.80 3.20
CA LEU A 251 28.40 -28.01 3.77
C LEU A 251 28.55 -28.39 5.25
N TRP A 252 29.79 -28.60 5.70
CA TRP A 252 30.08 -29.03 7.07
C TRP A 252 30.89 -28.04 7.91
N GLU A 253 31.88 -27.37 7.32
CA GLU A 253 32.77 -26.47 8.06
C GLU A 253 32.02 -25.23 8.51
N SER A 254 32.13 -24.92 9.78
CA SER A 254 31.53 -23.70 10.27
C SER A 254 32.33 -22.50 9.79
N GLN A 255 31.63 -21.50 9.31
CA GLN A 255 32.29 -20.26 8.95
C GLN A 255 32.01 -19.16 9.94
N ARG A 256 30.77 -19.11 10.44
CA ARG A 256 30.38 -18.10 11.42
C ARG A 256 31.19 -18.26 12.70
N GLN A 257 31.42 -19.50 13.13
CA GLN A 257 32.16 -19.77 14.35
C GLN A 257 33.56 -20.31 14.06
N ARG A 258 34.10 -19.92 12.91
CA ARG A 258 35.43 -20.39 12.51
C ARG A 258 36.48 -20.05 13.56
N GLU A 259 36.43 -18.85 14.10
CA GLU A 259 37.46 -18.39 15.02
C GLU A 259 37.26 -18.89 16.44
N ASP A 260 36.22 -19.69 16.71
CA ASP A 260 35.99 -20.26 18.05
C ASP A 260 35.68 -21.76 17.89
N PRO A 261 36.68 -22.58 17.57
CA PRO A 261 36.41 -23.99 17.23
C PRO A 261 35.71 -24.82 18.33
N LEU A 262 35.95 -24.53 19.61
CA LEU A 262 35.26 -25.27 20.67
C LEU A 262 33.78 -24.91 20.74
N PHE A 263 33.43 -23.67 20.43
CA PHE A 263 32.03 -23.29 20.38
C PHE A 263 31.38 -23.92 19.15
N ALA A 264 32.09 -23.96 18.02
CA ALA A 264 31.53 -24.66 16.85
C ALA A 264 31.35 -26.15 17.15
N GLU A 265 32.27 -26.74 17.91
CA GLU A 265 32.09 -28.14 18.29
C GLU A 265 30.92 -28.30 19.27
N LEU A 266 30.75 -27.36 20.20
CA LEU A 266 29.58 -27.41 21.08
C LEU A 266 28.28 -27.33 20.28
N LEU A 267 28.21 -26.40 19.32
CA LEU A 267 26.98 -26.24 18.55
C LEU A 267 26.67 -27.51 17.76
N LYS A 268 27.70 -28.17 17.23
CA LYS A 268 27.50 -29.41 16.48
C LYS A 268 26.91 -30.49 17.39
N ARG A 269 27.43 -30.60 18.61
CA ARG A 269 26.89 -31.59 19.54
C ARG A 269 25.48 -31.22 19.97
N LEU A 270 25.18 -29.91 20.10
CA LEU A 270 23.81 -29.50 20.39
C LEU A 270 22.90 -29.86 19.23
N ARG A 271 23.40 -29.74 18.00
CA ARG A 271 22.63 -30.11 16.82
C ARG A 271 22.18 -31.56 16.89
N GLN A 272 23.04 -32.44 17.40
CA GLN A 272 22.76 -33.86 17.61
C GLN A 272 22.04 -34.16 18.93
N GLY A 273 21.54 -33.16 19.65
CA GLY A 273 20.83 -33.37 20.91
C GLY A 273 21.63 -33.89 22.10
N ASP A 274 22.96 -33.85 22.05
CA ASP A 274 23.86 -34.32 23.10
C ASP A 274 23.51 -33.70 24.46
N PRO A 275 23.17 -34.51 25.47
CA PRO A 275 22.81 -33.94 26.79
C PRO A 275 23.98 -33.24 27.48
N GLN A 276 25.20 -33.75 27.35
CA GLN A 276 26.36 -33.14 27.98
C GLN A 276 26.66 -31.77 27.37
N ALA A 277 26.39 -31.59 26.08
CA ALA A 277 26.57 -30.28 25.47
C ALA A 277 25.59 -29.26 26.09
N LEU A 278 24.34 -29.65 26.31
CA LEU A 278 23.36 -28.74 26.91
C LEU A 278 23.81 -28.30 28.31
N GLU A 279 24.35 -29.23 29.09
CA GLU A 279 24.81 -28.90 30.46
C GLU A 279 26.01 -27.97 30.41
N THR A 280 26.95 -28.19 29.48
CA THR A 280 28.10 -27.30 29.31
C THR A 280 27.64 -25.89 28.91
N LEU A 281 26.61 -25.80 28.06
CA LEU A 281 26.03 -24.51 27.66
C LEU A 281 25.42 -23.77 28.87
N ASN A 282 24.63 -24.49 29.67
CA ASN A 282 23.99 -23.90 30.84
C ASN A 282 25.04 -23.38 31.80
N ARG A 283 26.18 -24.07 31.94
CA ARG A 283 27.21 -23.60 32.88
C ARG A 283 27.92 -22.36 32.36
N ALA A 284 28.18 -22.29 31.05
CA ALA A 284 28.91 -21.15 30.51
C ALA A 284 27.98 -19.95 30.25
N ALA A 285 26.83 -20.16 29.63
CA ALA A 285 26.14 -19.05 29.01
C ALA A 285 25.10 -18.40 29.89
N VAL A 286 24.62 -19.04 30.96
CA VAL A 286 23.49 -18.49 31.72
C VAL A 286 23.92 -17.22 32.46
N ARG A 287 23.39 -16.05 32.06
CA ARG A 287 23.68 -14.79 32.77
C ARG A 287 22.47 -13.89 32.64
N PRO A 288 21.60 -13.83 33.65
CA PRO A 288 20.32 -13.12 33.47
C PRO A 288 20.45 -11.65 33.09
N ASP A 289 21.51 -10.97 33.53
CA ASP A 289 21.69 -9.56 33.19
C ASP A 289 22.36 -9.37 31.85
N GLY A 290 22.48 -10.41 31.05
CA GLY A 290 23.15 -10.29 29.76
C GLY A 290 22.43 -9.36 28.80
N GLY A 291 21.10 -9.24 28.91
CA GLY A 291 20.31 -8.44 27.98
C GLY A 291 20.47 -6.94 28.15
N GLU A 292 21.00 -6.50 29.29
CA GLU A 292 21.22 -5.10 29.56
C GLU A 292 22.58 -4.60 29.08
N GLU A 293 23.43 -5.48 28.63
CA GLU A 293 24.74 -5.04 28.25
C GLU A 293 24.69 -4.34 26.88
N PRO A 294 25.49 -3.29 26.69
CA PRO A 294 25.45 -2.54 25.43
C PRO A 294 25.71 -3.39 24.19
N GLY A 295 25.05 -3.02 23.10
CA GLY A 295 25.21 -3.70 21.82
C GLY A 295 24.60 -5.08 21.75
N THR A 296 23.60 -5.36 22.57
CA THR A 296 22.99 -6.69 22.68
C THR A 296 21.61 -6.71 22.04
N LEU A 297 21.39 -7.65 21.12
CA LEU A 297 20.04 -7.92 20.65
C LEU A 297 19.45 -9.05 21.50
N ILE A 298 18.23 -8.84 22.00
CA ILE A 298 17.53 -9.85 22.78
C ILE A 298 16.62 -10.64 21.86
N LEU A 299 16.68 -11.97 21.93
CA LEU A 299 15.78 -12.83 21.20
C LEU A 299 14.81 -13.48 22.17
N THR A 300 13.54 -13.54 21.79
CA THR A 300 12.49 -14.16 22.59
C THR A 300 11.64 -15.05 21.69
N PRO A 301 11.02 -16.08 22.26
CA PRO A 301 10.14 -16.92 21.42
C PRO A 301 8.87 -16.22 20.94
N ARG A 302 8.21 -15.39 21.75
CA ARG A 302 6.93 -14.78 21.40
C ARG A 302 6.99 -13.27 21.23
N ARG A 303 6.07 -12.74 20.39
CA ARG A 303 5.96 -11.30 20.17
C ARG A 303 5.63 -10.54 21.46
N LYS A 304 4.69 -11.06 22.28
CA LYS A 304 4.30 -10.37 23.52
C LYS A 304 5.45 -10.34 24.54
N GLU A 305 6.32 -11.32 24.52
CA GLU A 305 7.50 -11.30 25.36
C GLU A 305 8.49 -10.25 24.87
N ALA A 306 8.56 -10.05 23.56
CA ALA A 306 9.44 -9.02 23.01
C ALA A 306 8.89 -7.63 23.33
N ASP A 307 7.56 -7.49 23.29
CA ASP A 307 6.93 -6.23 23.63
C ASP A 307 7.37 -5.75 25.00
N ALA A 308 7.31 -6.63 26.00
CA ALA A 308 7.62 -6.24 27.37
C ALA A 308 9.08 -5.81 27.50
N LEU A 309 9.99 -6.53 26.86
CA LEU A 309 11.41 -6.19 26.89
C LEU A 309 11.67 -4.88 26.14
N ASN A 310 10.91 -4.60 25.09
CA ASN A 310 11.11 -3.38 24.33
C ASN A 310 10.61 -2.17 25.12
N LEU A 311 9.49 -2.34 25.83
CA LEU A 311 8.91 -1.28 26.65
C LEU A 311 9.91 -0.76 27.69
N LYS A 312 10.72 -1.64 28.27
CA LYS A 312 11.69 -1.21 29.28
C LYS A 312 12.72 -0.29 28.65
N ARG A 313 13.31 -0.67 27.53
CA ARG A 313 14.38 0.15 26.96
C ARG A 313 13.82 1.48 26.47
N LEU A 314 12.61 1.48 25.92
CA LEU A 314 12.02 2.69 25.37
C LEU A 314 11.81 3.75 26.45
N GLU A 315 11.25 3.36 27.58
CA GLU A 315 11.00 4.31 28.66
C GLU A 315 12.28 5.00 29.16
N ALA A 316 13.47 4.48 28.82
CA ALA A 316 14.72 5.13 29.20
C ALA A 316 15.18 6.20 28.21
N LEU A 317 14.63 6.24 26.99
CA LEU A 317 14.95 7.31 26.05
C LEU A 317 14.33 8.64 26.51
N PRO A 318 15.02 9.77 26.25
CA PRO A 318 14.53 11.06 26.80
C PRO A 318 13.46 11.73 25.96
N GLY A 319 13.33 11.35 24.69
CA GLY A 319 12.37 12.00 23.81
C GLY A 319 10.93 11.91 24.30
N LYS A 320 10.12 12.82 23.78
CA LYS A 320 8.69 12.85 24.12
C LYS A 320 7.98 11.72 23.39
N PRO A 321 7.20 10.89 24.07
CA PRO A 321 6.54 9.76 23.40
C PRO A 321 5.39 10.21 22.50
N LEU A 322 5.08 9.37 21.52
CA LEU A 322 3.95 9.53 20.61
C LEU A 322 3.27 8.18 20.44
N GLU A 323 1.94 8.16 20.50
CA GLU A 323 1.19 6.92 20.44
C GLU A 323 0.40 6.79 19.14
N TYR A 324 0.64 5.68 18.43
CA TYR A 324 -0.05 5.32 17.20
C TYR A 324 -1.15 4.31 17.52
N GLN A 325 -2.40 4.74 17.34
CA GLN A 325 -3.56 3.96 17.73
C GLN A 325 -4.11 3.22 16.51
N ALA A 326 -4.05 1.91 16.55
CA ALA A 326 -4.58 1.08 15.48
C ALA A 326 -6.10 1.19 15.41
N GLN A 327 -6.63 1.00 14.21
CA GLN A 327 -8.06 0.91 13.99
C GLN A 327 -8.37 -0.55 13.68
N VAL A 328 -9.24 -1.15 14.51
CA VAL A 328 -9.63 -2.53 14.35
C VAL A 328 -11.12 -2.57 14.01
N LYS A 329 -11.47 -3.39 13.02
CA LYS A 329 -12.87 -3.62 12.66
C LYS A 329 -13.10 -5.10 12.36
N GLY A 330 -14.28 -5.58 12.75
CA GLY A 330 -14.73 -6.96 12.66
C GLY A 330 -14.03 -7.85 13.67
N GLU A 331 -13.80 -9.10 13.25
CA GLU A 331 -13.27 -10.13 14.14
C GLU A 331 -11.76 -10.08 14.04
N PHE A 332 -11.09 -9.70 15.12
CA PHE A 332 -9.65 -9.66 14.90
C PHE A 332 -8.61 -10.41 15.76
N ALA A 333 -8.27 -10.95 16.90
CA ALA A 333 -8.25 -10.80 18.30
C ALA A 333 -6.75 -10.34 18.53
N GLU A 334 -6.46 -9.74 19.69
CA GLU A 334 -5.16 -9.15 19.98
C GLU A 334 -3.99 -10.11 19.78
N THR A 335 -4.19 -11.41 20.04
CA THR A 335 -3.09 -12.37 19.83
C THR A 335 -2.63 -12.40 18.36
N ASP A 336 -3.46 -11.95 17.42
CA ASP A 336 -3.12 -11.93 16.00
C ASP A 336 -2.60 -10.57 15.53
N PHE A 337 -2.48 -9.60 16.42
CA PHE A 337 -2.02 -8.28 15.98
C PHE A 337 -0.56 -8.37 15.56
N PRO A 338 -0.19 -7.84 14.39
CA PRO A 338 1.22 -7.84 13.99
C PRO A 338 2.07 -6.91 14.82
N THR A 339 1.47 -5.90 15.43
CA THR A 339 2.19 -5.00 16.31
C THR A 339 1.15 -4.46 17.29
N GLU A 340 1.63 -3.79 18.33
CA GLU A 340 0.72 -3.31 19.37
C GLU A 340 -0.37 -2.42 18.79
N ALA A 341 -1.56 -2.53 19.40
CA ALA A 341 -2.68 -1.68 19.03
C ALA A 341 -2.45 -0.26 19.50
N ALA A 342 -1.80 -0.11 20.64
CA ALA A 342 -1.37 1.18 21.14
C ALA A 342 0.16 1.15 21.08
N LEU A 343 0.69 1.56 19.93
CA LEU A 343 2.13 1.57 19.69
C LEU A 343 2.73 2.89 20.18
N THR A 344 3.62 2.81 21.16
CA THR A 344 4.33 3.98 21.67
C THR A 344 5.73 4.04 21.06
N LEU A 345 6.11 5.21 20.58
CA LEU A 345 7.40 5.40 19.95
C LEU A 345 8.06 6.66 20.50
N LYS A 346 9.39 6.69 20.39
CA LYS A 346 10.18 7.86 20.73
C LYS A 346 11.22 8.04 19.66
N LYS A 347 11.71 9.26 19.54
CA LYS A 347 12.80 9.52 18.61
C LYS A 347 14.03 8.80 19.13
N GLY A 348 14.73 8.08 18.24
CA GLY A 348 15.87 7.27 18.62
C GLY A 348 15.57 5.81 18.89
N ALA A 349 14.30 5.43 18.90
CA ALA A 349 13.91 4.06 19.19
C ALA A 349 14.34 3.11 18.07
N GLN A 350 14.91 1.97 18.46
CA GLN A 350 15.25 0.93 17.50
C GLN A 350 13.97 0.22 17.07
N VAL A 351 13.76 0.13 15.74
CA VAL A 351 12.55 -0.46 15.16
C VAL A 351 12.86 -1.40 14.00
N ILE A 352 11.89 -2.27 13.69
CA ILE A 352 11.91 -3.10 12.50
C ILE A 352 10.62 -2.83 11.73
N LEU A 353 10.75 -2.67 10.40
CA LEU A 353 9.61 -2.43 9.51
C LEU A 353 8.97 -3.74 9.09
N LEU A 354 7.63 -3.75 9.02
CA LEU A 354 6.88 -4.98 8.84
C LEU A 354 6.22 -5.13 7.46
N ARG A 355 6.26 -4.12 6.59
CA ARG A 355 5.62 -4.19 5.29
C ARG A 355 6.55 -3.59 4.24
N ASN A 356 6.42 -4.04 3.01
CA ASN A 356 7.20 -3.47 1.91
C ASN A 356 6.60 -2.16 1.47
N ASP A 357 7.46 -1.17 1.24
CA ASP A 357 7.00 0.12 0.74
C ASP A 357 6.47 -0.05 -0.68
N PRO A 358 5.25 0.43 -0.96
CA PRO A 358 4.76 0.37 -2.34
C PRO A 358 5.63 1.15 -3.31
N LEU A 359 6.46 2.07 -2.81
CA LEU A 359 7.36 2.87 -3.63
C LEU A 359 8.76 2.27 -3.71
N GLY A 360 9.06 1.25 -2.88
CA GLY A 360 10.31 0.50 -2.97
C GLY A 360 11.46 1.02 -2.12
N GLU A 361 11.23 1.99 -1.22
CA GLU A 361 12.28 2.57 -0.38
C GLU A 361 12.61 1.71 0.83
N TYR A 362 11.68 0.86 1.27
CA TYR A 362 11.93 0.04 2.44
C TYR A 362 11.16 -1.27 2.30
N PHE A 363 11.60 -2.26 3.08
CA PHE A 363 11.08 -3.60 2.97
C PHE A 363 10.74 -4.18 4.33
N ASN A 364 9.90 -5.22 4.30
CA ASN A 364 9.58 -6.00 5.48
C ASN A 364 10.86 -6.62 6.01
N GLY A 365 11.22 -6.31 7.26
CA GLY A 365 12.48 -6.79 7.81
C GLY A 365 13.53 -5.71 7.98
N ASP A 366 13.35 -4.54 7.36
CA ASP A 366 14.33 -3.47 7.47
C ASP A 366 14.41 -2.96 8.91
N LEU A 367 15.62 -2.92 9.46
CA LEU A 367 15.86 -2.36 10.78
C LEU A 367 16.19 -0.88 10.64
N GLY A 368 15.93 -0.11 11.70
CA GLY A 368 16.23 1.32 11.64
C GLY A 368 15.95 2.00 12.96
N TRP A 369 16.05 3.34 12.96
CA TRP A 369 15.79 4.15 14.14
C TRP A 369 14.81 5.26 13.79
N VAL A 370 13.95 5.62 14.76
CA VAL A 370 12.96 6.67 14.55
C VAL A 370 13.64 8.04 14.56
N GLU A 371 13.34 8.87 13.57
CA GLU A 371 13.81 10.26 13.50
C GLU A 371 12.74 11.28 13.79
N ASP A 372 11.56 11.10 13.19
CA ASP A 372 10.44 12.02 13.34
C ASP A 372 9.18 11.23 13.68
N LEU A 373 8.30 11.85 14.46
CA LEU A 373 7.05 11.23 14.89
C LEU A 373 5.97 12.28 14.72
N GLU A 374 5.05 12.01 13.81
CA GLU A 374 3.93 12.90 13.54
C GLU A 374 2.66 12.05 13.49
N ALA A 375 1.52 12.73 13.44
CA ALA A 375 0.20 12.12 13.60
C ALA A 375 0.00 10.77 12.89
N GLU A 376 0.18 10.71 11.58
CA GLU A 376 -0.02 9.41 10.94
C GLU A 376 1.18 9.03 10.11
N ALA A 377 2.35 9.52 10.51
CA ALA A 377 3.54 9.40 9.68
C ALA A 377 4.77 9.51 10.58
N LEU A 378 5.76 8.68 10.31
CA LEU A 378 7.04 8.77 10.99
C LEU A 378 8.14 8.59 9.96
N ALA A 379 9.33 9.07 10.33
CA ALA A 379 10.51 8.94 9.50
C ALA A 379 11.48 8.01 10.21
N VAL A 380 11.98 7.03 9.48
CA VAL A 380 12.90 6.05 10.01
C VAL A 380 14.20 6.12 9.21
N ARG A 381 15.32 6.05 9.92
CA ARG A 381 16.64 6.03 9.31
C ARG A 381 17.05 4.57 9.19
N LEU A 382 17.24 4.10 7.96
CA LEU A 382 17.43 2.68 7.72
C LEU A 382 18.85 2.25 8.07
N LYS A 383 18.96 1.11 8.73
CA LYS A 383 20.29 0.54 8.93
C LYS A 383 20.88 0.12 7.59
N ARG A 384 20.06 -0.49 6.73
CA ARG A 384 20.55 -1.10 5.50
C ARG A 384 21.31 -0.11 4.61
N ASN A 385 20.83 1.13 4.47
CA ASN A 385 21.52 2.02 3.55
C ASN A 385 21.70 3.44 4.06
N GLY A 386 21.39 3.72 5.32
CA GLY A 386 21.46 5.06 5.89
C GLY A 386 20.47 6.04 5.28
N ARG A 387 19.42 5.57 4.60
CA ARG A 387 18.42 6.44 4.01
C ARG A 387 17.25 6.66 4.96
N ARG A 388 16.60 7.82 4.78
CA ARG A 388 15.44 8.21 5.57
C ARG A 388 14.19 7.90 4.77
N VAL A 389 13.27 7.12 5.38
CA VAL A 389 12.02 6.73 4.74
C VAL A 389 10.85 7.16 5.61
N VAL A 390 9.74 7.54 4.97
CA VAL A 390 8.55 7.98 5.67
C VAL A 390 7.54 6.83 5.72
N ILE A 391 7.11 6.47 6.95
CA ILE A 391 6.25 5.32 7.22
C ILE A 391 4.82 5.78 7.44
N ARG A 392 3.87 5.19 6.71
CA ARG A 392 2.45 5.48 6.92
C ARG A 392 1.67 4.22 7.28
N PRO A 393 0.43 4.31 7.75
CA PRO A 393 -0.29 3.11 8.18
C PRO A 393 -0.61 2.16 7.02
N PHE A 394 -0.53 0.85 7.31
CA PHE A 394 -0.89 -0.23 6.40
C PHE A 394 -2.09 -0.97 6.97
N VAL A 395 -2.78 -1.71 6.13
CA VAL A 395 -3.93 -2.51 6.54
C VAL A 395 -3.55 -3.98 6.49
N TRP A 396 -3.92 -4.73 7.53
CA TRP A 396 -3.77 -6.18 7.55
C TRP A 396 -5.14 -6.83 7.60
N GLU A 397 -5.31 -7.95 6.91
CA GLU A 397 -6.54 -8.71 6.98
C GLU A 397 -6.37 -9.93 7.87
N LYS A 398 -7.50 -10.40 8.43
CA LYS A 398 -7.61 -11.65 9.18
C LYS A 398 -8.44 -12.62 8.36
N ILE A 399 -7.85 -13.77 8.03
CA ILE A 399 -8.50 -14.78 7.22
C ILE A 399 -8.84 -15.96 8.11
N VAL A 400 -10.10 -16.41 8.06
CA VAL A 400 -10.50 -17.68 8.63
C VAL A 400 -10.96 -18.61 7.50
N TYR A 401 -10.78 -19.90 7.72
CA TYR A 401 -11.16 -20.93 6.75
C TYR A 401 -12.31 -21.74 7.33
N THR A 402 -13.46 -21.68 6.66
CA THR A 402 -14.64 -22.43 7.08
C THR A 402 -14.78 -23.68 6.22
N TYR A 403 -15.03 -24.83 6.86
CA TYR A 403 -15.29 -26.08 6.16
C TYR A 403 -16.79 -26.24 5.97
N ASP A 404 -17.22 -26.60 4.77
CA ASP A 404 -18.65 -26.61 4.47
C ASP A 404 -19.19 -28.01 4.26
N SER A 405 -20.44 -28.21 4.70
CA SER A 405 -21.10 -29.51 4.66
C SER A 405 -21.00 -30.19 3.30
N GLU A 406 -20.36 -31.35 3.30
CA GLU A 406 -20.43 -32.51 2.43
C GLU A 406 -19.73 -32.20 1.12
N ARG A 407 -19.27 -30.98 0.93
CA ARG A 407 -18.16 -30.59 0.09
C ARG A 407 -16.87 -30.80 0.86
N GLU A 408 -16.01 -31.69 0.41
CA GLU A 408 -14.74 -31.85 1.11
C GLU A 408 -13.80 -30.72 0.72
N GLU A 409 -14.22 -29.49 1.02
CA GLU A 409 -13.42 -28.32 0.69
C GLU A 409 -13.58 -27.26 1.77
N ILE A 410 -12.52 -26.46 1.93
CA ILE A 410 -12.50 -25.30 2.80
C ILE A 410 -12.52 -24.05 1.93
N LYS A 411 -12.93 -22.94 2.53
CA LYS A 411 -12.94 -21.65 1.83
C LYS A 411 -12.46 -20.53 2.75
N PRO A 412 -11.61 -19.64 2.23
CA PRO A 412 -11.15 -18.49 3.02
C PRO A 412 -12.17 -17.35 3.05
N GLN A 413 -12.05 -16.53 4.10
CA GLN A 413 -12.92 -15.38 4.29
C GLN A 413 -12.20 -14.34 5.14
N VAL A 414 -12.30 -13.09 4.72
CA VAL A 414 -11.80 -11.97 5.53
C VAL A 414 -12.85 -11.63 6.57
N VAL A 415 -12.47 -11.74 7.86
CA VAL A 415 -13.38 -11.44 8.97
C VAL A 415 -13.03 -10.14 9.69
N GLY A 416 -11.84 -9.58 9.50
CA GLY A 416 -11.51 -8.35 10.17
C GLY A 416 -10.29 -7.69 9.56
N THR A 417 -10.08 -6.42 9.93
CA THR A 417 -8.91 -5.66 9.50
C THR A 417 -8.27 -4.95 10.67
N PHE A 418 -7.00 -4.63 10.50
CA PHE A 418 -6.20 -3.93 11.51
C PHE A 418 -5.37 -2.93 10.72
N ARG A 419 -5.53 -1.66 11.03
CA ARG A 419 -4.79 -0.59 10.37
C ARG A 419 -3.82 0.00 11.36
N GLN A 420 -2.54 0.03 11.00
CA GLN A 420 -1.54 0.53 11.93
C GLN A 420 -0.26 0.80 11.17
N VAL A 421 0.56 1.68 11.74
CA VAL A 421 1.91 1.92 11.23
C VAL A 421 2.72 0.62 11.28
N PRO A 422 3.34 0.18 10.16
CA PRO A 422 4.02 -1.12 10.08
C PRO A 422 5.39 -1.14 10.76
N VAL A 423 5.38 -0.96 12.06
CA VAL A 423 6.59 -0.81 12.86
C VAL A 423 6.45 -1.67 14.11
N ARG A 424 7.57 -2.20 14.56
CA ARG A 424 7.72 -2.88 15.84
C ARG A 424 8.99 -2.35 16.46
N LEU A 425 9.00 -2.23 17.79
CA LEU A 425 10.25 -1.96 18.49
C LEU A 425 11.16 -3.18 18.35
N ALA A 426 12.47 -2.92 18.20
CA ALA A 426 13.39 -3.98 17.81
C ALA A 426 14.64 -4.13 18.70
N TRP A 427 14.58 -3.74 19.99
CA TRP A 427 15.67 -4.13 20.88
C TRP A 427 15.59 -5.61 21.19
N ALA A 428 14.37 -6.11 21.30
CA ALA A 428 14.05 -7.52 21.46
C ALA A 428 13.27 -7.90 20.23
N LEU A 429 13.64 -9.03 19.61
CA LEU A 429 12.95 -9.56 18.45
C LEU A 429 12.65 -11.04 18.69
N THR A 430 11.72 -11.58 17.91
CA THR A 430 11.44 -13.01 17.93
C THR A 430 12.59 -13.76 17.26
N VAL A 431 12.75 -15.02 17.64
CA VAL A 431 13.78 -15.87 17.04
C VAL A 431 13.53 -16.02 15.53
N HIS A 432 12.27 -16.03 15.12
CA HIS A 432 11.93 -16.17 13.69
C HIS A 432 12.55 -15.05 12.87
N LYS A 433 12.53 -13.82 13.39
CA LYS A 433 13.10 -12.66 12.71
C LYS A 433 14.62 -12.66 12.71
N ALA A 434 15.27 -13.55 13.47
CA ALA A 434 16.73 -13.60 13.49
C ALA A 434 17.31 -14.66 12.56
N GLN A 435 16.50 -15.62 12.07
CA GLN A 435 17.05 -16.72 11.30
C GLN A 435 17.70 -16.20 10.02
N GLY A 436 19.00 -16.51 9.83
CA GLY A 436 19.75 -16.04 8.70
C GLY A 436 20.77 -14.97 9.02
N LEU A 437 20.63 -14.30 10.15
CA LEU A 437 21.50 -13.21 10.53
C LEU A 437 22.74 -13.70 11.26
N THR A 438 23.82 -12.96 11.09
CA THR A 438 24.95 -13.06 11.99
C THR A 438 24.88 -11.85 12.91
N LEU A 439 24.79 -12.09 14.22
CA LEU A 439 24.67 -11.02 15.21
C LEU A 439 25.93 -10.91 16.06
N ASP A 440 26.26 -9.68 16.46
CA ASP A 440 27.46 -9.47 17.27
C ASP A 440 27.29 -10.02 18.68
N LYS A 441 26.09 -9.89 19.25
CA LYS A 441 25.88 -10.27 20.65
C LYS A 441 24.40 -10.57 20.87
N VAL A 442 24.10 -11.69 21.52
CA VAL A 442 22.72 -12.13 21.67
C VAL A 442 22.47 -12.53 23.11
N HIS A 443 21.28 -12.23 23.58
CA HIS A 443 20.77 -12.72 24.85
C HIS A 443 19.40 -13.38 24.60
N LEU A 444 19.31 -14.67 24.86
CA LEU A 444 18.05 -15.41 24.70
C LEU A 444 17.23 -15.34 25.99
N GLU A 445 16.11 -14.61 25.94
CA GLU A 445 15.13 -14.58 27.03
C GLU A 445 14.12 -15.69 26.76
N LEU A 446 14.16 -16.75 27.57
CA LEU A 446 13.33 -17.93 27.29
C LEU A 446 11.84 -17.65 27.49
N GLY A 447 11.49 -16.78 28.45
CA GLY A 447 10.10 -16.46 28.69
C GLY A 447 9.30 -17.68 29.09
N ARG A 448 8.15 -17.86 28.44
CA ARG A 448 7.29 -19.00 28.72
C ARG A 448 7.78 -20.31 28.11
N GLY A 449 8.86 -20.30 27.32
CA GLY A 449 9.48 -21.51 26.83
C GLY A 449 9.53 -21.58 25.31
N LEU A 450 10.26 -22.59 24.84
CA LEU A 450 10.40 -22.88 23.43
C LEU A 450 9.19 -23.66 22.94
N PHE A 451 8.70 -23.32 21.75
CA PHE A 451 7.54 -24.00 21.18
C PHE A 451 7.72 -24.51 19.76
N ALA A 452 8.71 -24.06 19.01
CA ALA A 452 8.91 -24.50 17.63
C ALA A 452 10.17 -25.32 17.46
N HIS A 453 10.11 -26.34 16.62
CA HIS A 453 11.29 -27.12 16.26
C HIS A 453 12.34 -26.21 15.63
N GLY A 454 13.59 -26.34 16.07
CA GLY A 454 14.70 -25.51 15.58
C GLY A 454 14.87 -24.16 16.26
N GLN A 455 13.92 -23.73 17.10
CA GLN A 455 13.94 -22.42 17.72
C GLN A 455 15.21 -22.19 18.56
N LEU A 456 15.52 -23.14 19.45
CA LEU A 456 16.68 -22.97 20.32
C LEU A 456 17.96 -22.95 19.50
N TYR A 457 18.07 -23.88 18.55
CA TYR A 457 19.25 -24.00 17.71
C TYR A 457 19.50 -22.72 16.93
N VAL A 458 18.45 -22.11 16.34
CA VAL A 458 18.65 -20.83 15.64
C VAL A 458 19.16 -19.76 16.61
N ALA A 459 18.50 -19.62 17.77
CA ALA A 459 18.91 -18.63 18.76
C ALA A 459 20.38 -18.80 19.15
N LEU A 460 20.85 -20.04 19.31
CA LEU A 460 22.22 -20.25 19.80
C LEU A 460 23.27 -20.06 18.74
N THR A 461 22.91 -20.11 17.44
CA THR A 461 23.89 -20.15 16.38
C THR A 461 24.05 -18.84 15.65
N ARG A 462 23.48 -17.74 16.19
CA ARG A 462 23.59 -16.44 15.53
C ARG A 462 24.97 -15.77 15.71
N VAL A 463 25.70 -16.07 16.79
CA VAL A 463 26.92 -15.33 17.11
C VAL A 463 28.17 -16.10 16.71
N ARG A 464 29.31 -15.40 16.68
CA ARG A 464 30.58 -16.01 16.30
C ARG A 464 31.29 -16.68 17.45
N ARG A 465 31.07 -16.22 18.68
CA ARG A 465 31.83 -16.72 19.81
C ARG A 465 30.91 -16.99 21.00
N LEU A 466 31.32 -17.93 21.85
CA LEU A 466 30.50 -18.26 23.01
C LEU A 466 30.30 -17.06 23.94
N GLN A 467 31.35 -16.28 24.16
CA GLN A 467 31.23 -15.08 25.00
C GLN A 467 30.19 -14.10 24.47
N ASP A 468 29.81 -14.21 23.20
CA ASP A 468 28.79 -13.34 22.65
C ASP A 468 27.37 -13.78 22.98
N LEU A 469 27.17 -14.96 23.58
CA LEU A 469 25.85 -15.51 23.84
C LEU A 469 25.57 -15.56 25.34
N SER A 470 24.37 -15.13 25.77
CA SER A 470 23.92 -15.36 27.14
C SER A 470 22.47 -15.80 27.13
N LEU A 471 22.10 -16.59 28.13
CA LEU A 471 20.75 -17.10 28.34
C LEU A 471 20.18 -16.57 29.65
N SER A 472 18.85 -16.40 29.69
CA SER A 472 18.17 -15.90 30.88
C SER A 472 18.07 -16.95 31.99
N ARG A 473 18.14 -18.23 31.66
CA ARG A 473 18.01 -19.32 32.62
C ARG A 473 18.52 -20.59 31.95
N PRO A 474 18.81 -21.64 32.71
CA PRO A 474 19.31 -22.88 32.09
C PRO A 474 18.19 -23.54 31.32
N ILE A 475 18.57 -24.29 30.30
CA ILE A 475 17.64 -25.06 29.50
C ILE A 475 17.67 -26.52 29.94
N ALA A 476 16.46 -27.13 30.19
CA ALA A 476 16.38 -28.56 30.52
C ALA A 476 16.26 -29.42 29.25
N PRO A 477 16.74 -30.66 29.29
CA PRO A 477 16.69 -31.51 28.08
C PRO A 477 15.26 -31.81 27.62
N THR A 478 14.29 -31.80 28.54
CA THR A 478 12.91 -32.06 28.18
C THR A 478 12.32 -30.94 27.34
N GLU A 479 13.03 -29.84 27.16
CA GLU A 479 12.56 -28.72 26.38
C GLU A 479 12.85 -28.86 24.89
N LEU A 480 13.93 -29.56 24.52
CA LEU A 480 14.36 -29.78 23.13
C LEU A 480 13.27 -30.45 22.28
N LEU A 481 12.88 -29.81 21.18
CA LEU A 481 11.86 -30.35 20.29
C LEU A 481 12.50 -31.07 19.10
N TRP A 482 11.77 -32.07 18.58
CA TRP A 482 12.21 -32.90 17.45
C TRP A 482 11.01 -33.27 16.59
N ARG A 483 11.19 -33.19 15.28
CA ARG A 483 10.14 -33.62 14.37
C ARG A 483 10.57 -34.89 13.64
N PRO A 484 9.85 -36.00 13.76
CA PRO A 484 10.26 -37.23 13.06
C PRO A 484 10.34 -37.07 11.55
N GLU A 485 9.50 -36.20 10.98
CA GLU A 485 9.56 -35.93 9.54
C GLU A 485 10.94 -35.42 9.16
N VAL A 486 11.53 -34.56 10.00
CA VAL A 486 12.86 -34.04 9.68
C VAL A 486 13.90 -35.15 9.77
N GLU A 487 13.78 -36.02 10.78
CA GLU A 487 14.78 -37.08 10.95
C GLU A 487 14.82 -38.00 9.73
N VAL A 488 13.67 -38.43 9.22
CA VAL A 488 13.68 -39.34 8.07
C VAL A 488 14.21 -38.63 6.83
N PHE A 489 14.01 -37.32 6.72
CA PHE A 489 14.52 -36.59 5.56
C PHE A 489 16.03 -36.41 5.66
N GLU A 490 16.54 -35.99 6.83
CA GLU A 490 17.98 -35.82 7.05
C GLU A 490 18.73 -37.13 6.84
N THR A 491 18.08 -38.25 7.11
CA THR A 491 18.73 -39.55 6.92
C THR A 491 18.77 -39.92 5.44
N ARG A 492 17.66 -39.74 4.73
CA ARG A 492 17.65 -40.15 3.33
C ARG A 492 18.58 -39.29 2.46
N ILE A 493 18.72 -37.99 2.76
CA ILE A 493 19.58 -37.13 1.95
C ILE A 493 21.06 -37.34 2.20
N GLN A 494 21.42 -38.26 3.12
CA GLN A 494 22.81 -38.67 3.26
C GLN A 494 23.31 -39.31 1.98
N GLU A 495 22.41 -39.99 1.25
CA GLU A 495 22.69 -40.60 -0.05
C GLU A 495 22.94 -39.59 -1.16
N GLY A 496 22.69 -38.30 -0.95
CA GLY A 496 22.94 -37.30 -1.97
C GLY A 496 21.77 -36.96 -2.88
N ILE A 497 20.62 -37.60 -2.67
CA ILE A 497 19.44 -37.37 -3.50
C ILE A 497 18.24 -37.35 -2.57
N TRP A 498 17.21 -36.61 -2.97
CA TRP A 498 15.89 -36.68 -2.35
C TRP A 498 14.87 -36.86 -3.44
N GLN A 499 14.13 -37.97 -3.41
CA GLN A 499 13.05 -38.17 -4.39
C GLN A 499 11.84 -38.77 -3.68
N LYS A 500 10.76 -37.99 -3.65
CA LYS A 500 9.52 -38.33 -2.96
C LYS A 500 8.83 -39.53 -3.61
N SER A 501 8.61 -40.58 -2.83
CA SER A 501 7.91 -41.76 -3.30
C SER A 501 6.39 -41.58 -3.20
N HIS A 502 5.67 -42.32 -4.04
CA HIS A 502 4.20 -42.38 -4.05
C HIS A 502 3.57 -41.05 -4.49
N GLY B 67 -36.08 26.16 -9.41
CA GLY B 67 -36.97 25.36 -8.59
C GLY B 67 -36.27 24.73 -7.39
N LEU B 68 -35.68 25.57 -6.55
CA LEU B 68 -34.97 25.14 -5.34
C LEU B 68 -35.94 24.59 -4.29
N SER B 69 -35.45 23.66 -3.48
CA SER B 69 -36.25 23.10 -2.40
C SER B 69 -36.20 23.97 -1.15
N SER B 70 -37.09 23.65 -0.19
CA SER B 70 -37.22 24.42 1.05
C SER B 70 -35.90 24.54 1.80
N GLU B 71 -35.11 23.47 1.82
CA GLU B 71 -33.83 23.50 2.51
C GLU B 71 -32.78 24.25 1.70
N GLN B 72 -32.82 24.14 0.37
CA GLN B 72 -31.90 24.90 -0.48
C GLN B 72 -32.16 26.40 -0.40
N GLN B 73 -33.44 26.82 -0.53
CA GLN B 73 -33.76 28.24 -0.42
C GLN B 73 -33.39 28.76 0.95
N ARG B 74 -33.53 27.94 2.00
CA ARG B 74 -33.10 28.30 3.35
C ARG B 74 -31.59 28.54 3.41
N ALA B 75 -30.80 27.61 2.87
CA ALA B 75 -29.34 27.76 2.85
C ALA B 75 -28.94 29.02 2.07
N PHE B 76 -29.63 29.29 0.95
CA PHE B 76 -29.35 30.45 0.11
C PHE B 76 -29.55 31.73 0.91
N LEU B 77 -30.67 31.85 1.60
CA LEU B 77 -30.97 33.07 2.36
C LEU B 77 -29.98 33.20 3.52
N ALA B 78 -29.68 32.11 4.22
CA ALA B 78 -28.79 32.17 5.37
C ALA B 78 -27.39 32.57 4.96
N VAL B 79 -26.99 32.26 3.74
CA VAL B 79 -25.64 32.49 3.25
C VAL B 79 -25.49 33.89 2.64
N THR B 80 -26.45 34.30 1.80
CA THR B 80 -26.38 35.55 1.04
C THR B 80 -26.74 36.78 1.87
N GLN B 81 -27.42 36.60 3.00
CA GLN B 81 -28.11 37.66 3.72
C GLN B 81 -27.58 37.81 5.14
N THR B 82 -26.25 37.77 5.28
CA THR B 82 -25.58 37.82 6.57
C THR B 82 -24.18 38.37 6.37
N PRO B 83 -23.67 39.15 7.32
CA PRO B 83 -22.32 39.70 7.19
C PRO B 83 -21.20 38.74 7.56
N HIS B 84 -21.50 37.52 7.98
CA HIS B 84 -20.45 36.58 8.38
C HIS B 84 -19.70 36.06 7.15
N PRO B 85 -18.37 36.08 7.15
CA PRO B 85 -17.57 35.79 5.95
C PRO B 85 -17.23 34.32 5.68
N ALA B 86 -17.83 33.33 6.33
CA ALA B 86 -17.30 31.95 6.21
C ALA B 86 -18.41 30.94 6.43
N HIS B 87 -18.93 30.34 5.36
CA HIS B 87 -20.01 29.37 5.44
C HIS B 87 -19.65 28.05 4.76
N LEU B 88 -20.31 26.97 5.22
CA LEU B 88 -20.16 25.63 4.65
C LEU B 88 -21.55 25.04 4.44
N ILE B 89 -21.86 24.68 3.20
CA ILE B 89 -23.09 23.98 2.87
C ILE B 89 -22.73 22.53 2.60
N THR B 90 -23.07 21.63 3.52
CA THR B 90 -22.75 20.22 3.41
C THR B 90 -24.01 19.36 3.47
N GLY B 91 -23.89 18.16 2.92
CA GLY B 91 -24.97 17.21 2.87
C GLY B 91 -24.59 16.02 1.98
N PRO B 92 -25.37 14.94 2.08
CA PRO B 92 -25.06 13.73 1.32
C PRO B 92 -25.06 13.99 -0.18
N ALA B 93 -24.58 12.99 -0.90
CA ALA B 93 -24.45 13.10 -2.33
C ALA B 93 -25.80 13.35 -2.98
N GLY B 94 -25.83 14.26 -3.94
CA GLY B 94 -27.06 14.50 -4.67
C GLY B 94 -28.14 15.28 -3.95
N THR B 95 -27.82 15.92 -2.81
CA THR B 95 -28.77 16.78 -2.11
C THR B 95 -29.01 18.11 -2.82
N GLY B 96 -28.24 18.43 -3.86
CA GLY B 96 -28.38 19.66 -4.60
C GLY B 96 -27.46 20.78 -4.17
N LYS B 97 -26.27 20.46 -3.69
CA LYS B 97 -25.32 21.49 -3.26
C LYS B 97 -24.83 22.32 -4.44
N THR B 98 -24.43 21.66 -5.53
CA THR B 98 -23.94 22.37 -6.71
C THR B 98 -25.06 23.14 -7.40
N THR B 99 -26.29 22.62 -7.37
CA THR B 99 -27.43 23.33 -7.93
C THR B 99 -27.72 24.60 -7.13
N LEU B 100 -27.51 24.55 -5.82
CA LEU B 100 -27.62 25.75 -4.99
C LEU B 100 -26.50 26.75 -5.34
N LEU B 101 -25.33 26.22 -5.68
CA LEU B 101 -24.21 27.03 -6.13
C LEU B 101 -24.55 27.79 -7.42
N TYR B 102 -25.36 27.22 -8.32
CA TYR B 102 -25.75 27.98 -9.52
C TYR B 102 -26.58 29.19 -9.14
N ALA B 103 -27.50 29.04 -8.18
CA ALA B 103 -28.28 30.18 -7.73
C ALA B 103 -27.37 31.22 -7.08
N LEU B 104 -26.33 30.78 -6.37
CA LEU B 104 -25.36 31.72 -5.81
C LEU B 104 -24.61 32.46 -6.93
N GLN B 105 -24.27 31.75 -8.02
CA GLN B 105 -23.65 32.40 -9.17
C GLN B 105 -24.60 33.39 -9.82
N GLU B 106 -25.91 33.12 -9.85
CA GLU B 106 -26.84 34.09 -10.41
C GLU B 106 -27.01 35.28 -9.48
N PHE B 107 -26.86 35.07 -8.17
CA PHE B 107 -27.05 36.15 -7.22
C PHE B 107 -25.89 37.16 -7.26
N TYR B 108 -24.61 36.71 -7.19
CA TYR B 108 -23.63 37.79 -6.99
C TYR B 108 -22.95 38.36 -8.24
N LYS B 109 -22.37 37.50 -9.06
CA LYS B 109 -22.21 37.07 -10.45
C LYS B 109 -21.36 37.88 -11.44
N GLY B 110 -20.77 39.06 -11.16
CA GLY B 110 -19.35 39.35 -11.10
C GLY B 110 -18.69 39.18 -9.76
N ARG B 111 -19.54 39.20 -8.74
CA ARG B 111 -19.04 39.41 -7.39
C ARG B 111 -18.36 38.16 -6.86
N ALA B 112 -18.69 37.02 -7.46
CA ALA B 112 -18.28 35.70 -7.02
C ALA B 112 -17.23 35.12 -7.95
N VAL B 113 -16.37 34.29 -7.38
CA VAL B 113 -15.43 33.45 -8.11
C VAL B 113 -15.67 32.01 -7.68
N THR B 114 -15.99 31.17 -8.64
CA THR B 114 -16.31 29.78 -8.38
C THR B 114 -15.09 28.91 -8.72
N LEU B 115 -14.59 28.18 -7.72
CA LEU B 115 -13.43 27.29 -7.88
C LEU B 115 -13.77 25.89 -7.39
N ALA B 116 -13.01 24.90 -7.84
CA ALA B 116 -13.15 23.52 -7.38
C ALA B 116 -11.79 22.83 -7.42
N PRO B 117 -11.59 21.78 -6.63
CA PRO B 117 -10.26 21.11 -6.62
C PRO B 117 -9.92 20.37 -7.90
N THR B 118 -10.87 19.71 -8.54
CA THR B 118 -10.55 18.90 -9.71
C THR B 118 -11.14 19.55 -10.97
N GLY B 119 -10.56 19.17 -12.10
CA GLY B 119 -11.08 19.65 -13.38
C GLY B 119 -12.53 19.27 -13.60
N THR B 120 -12.91 18.04 -13.25
CA THR B 120 -14.28 17.60 -13.42
C THR B 120 -15.23 18.37 -12.51
N ALA B 121 -14.85 18.55 -11.25
CA ALA B 121 -15.70 19.31 -10.36
C ALA B 121 -15.75 20.78 -10.77
N ALA B 122 -14.67 21.29 -11.35
CA ALA B 122 -14.63 22.68 -11.80
C ALA B 122 -15.64 22.92 -12.92
N LEU B 123 -15.66 22.03 -13.91
CA LEU B 123 -16.59 22.16 -15.02
C LEU B 123 -18.02 21.96 -14.55
N GLN B 124 -18.26 20.99 -13.66
CA GLN B 124 -19.60 20.74 -13.17
C GLN B 124 -20.16 21.99 -12.50
N ALA B 125 -19.33 22.70 -11.77
CA ALA B 125 -19.73 23.91 -11.06
C ALA B 125 -19.60 25.18 -11.87
N ARG B 126 -19.26 25.08 -13.17
CA ARG B 126 -19.12 26.26 -14.04
C ARG B 126 -18.07 27.23 -13.50
N GLY B 127 -16.97 26.68 -13.01
CA GLY B 127 -15.86 27.49 -12.54
C GLY B 127 -14.56 26.99 -13.12
N GLN B 128 -13.49 27.12 -12.35
CA GLN B 128 -12.19 26.61 -12.73
C GLN B 128 -11.47 26.11 -11.49
N THR B 129 -10.41 25.35 -11.72
CA THR B 129 -9.69 24.75 -10.61
C THR B 129 -9.03 25.82 -9.75
N VAL B 130 -8.86 25.51 -8.46
CA VAL B 130 -8.17 26.44 -7.58
C VAL B 130 -6.78 26.71 -8.10
N HIS B 131 -6.10 25.67 -8.61
CA HIS B 131 -4.73 25.83 -9.08
C HIS B 131 -4.65 26.80 -10.24
N SER B 132 -5.53 26.66 -11.25
CA SER B 132 -5.41 27.49 -12.45
C SER B 132 -5.79 28.95 -12.18
N PHE B 133 -6.74 29.19 -11.28
CA PHE B 133 -7.10 30.57 -10.96
C PHE B 133 -5.96 31.29 -10.25
N PHE B 134 -5.46 30.71 -9.16
CA PHE B 134 -4.37 31.30 -8.39
C PHE B 134 -3.01 31.03 -8.99
N ARG B 135 -2.90 30.19 -10.03
CA ARG B 135 -1.61 29.87 -10.64
C ARG B 135 -0.68 29.15 -9.66
N PHE B 136 -1.26 28.32 -8.79
CA PHE B 136 -0.46 27.51 -7.87
C PHE B 136 0.21 26.37 -8.62
N PRO B 137 1.43 26.02 -8.26
CA PRO B 137 2.08 24.85 -8.88
C PRO B 137 1.43 23.56 -8.41
N ALA B 138 1.59 22.53 -9.24
CA ALA B 138 1.06 21.20 -8.97
C ALA B 138 1.96 20.45 -8.01
N ARG B 139 2.03 20.95 -6.78
CA ARG B 139 2.91 20.36 -5.80
C ARG B 139 2.50 20.82 -4.41
N LEU B 140 3.18 20.26 -3.40
CA LEU B 140 2.90 20.66 -2.03
C LEU B 140 3.04 22.18 -1.86
N LEU B 141 2.05 22.81 -1.24
CA LEU B 141 2.11 24.24 -0.97
C LEU B 141 2.45 24.42 0.51
N ARG B 142 3.72 24.69 0.79
CA ARG B 142 4.17 24.88 2.18
C ARG B 142 3.55 26.12 2.80
N TYR B 143 3.33 26.08 4.12
CA TYR B 143 2.55 27.12 4.80
C TYR B 143 3.17 28.50 4.58
N ARG B 144 2.44 29.35 3.87
CA ARG B 144 2.81 30.75 3.63
C ARG B 144 4.23 30.85 3.07
N HIS B 145 4.63 29.87 2.26
CA HIS B 145 5.95 29.91 1.66
C HIS B 145 5.94 30.83 0.43
N PRO B 146 6.90 31.76 0.31
CA PRO B 146 6.91 32.63 -0.89
C PRO B 146 7.22 31.90 -2.18
N GLU B 147 7.96 30.78 -2.16
CA GLU B 147 8.25 30.07 -3.41
C GLU B 147 7.03 29.33 -3.94
N ASP B 148 6.09 28.97 -3.07
CA ASP B 148 4.93 28.20 -3.48
C ASP B 148 3.77 29.12 -3.82
N ILE B 149 3.52 30.10 -2.97
CA ILE B 149 2.41 31.04 -3.12
C ILE B 149 3.00 32.39 -3.56
N ARG B 150 3.03 32.63 -4.86
CA ARG B 150 3.61 33.86 -5.40
C ARG B 150 2.50 34.84 -5.74
N PRO B 151 2.50 36.07 -5.19
CA PRO B 151 1.43 37.02 -5.52
C PRO B 151 1.49 37.45 -6.97
N PRO B 152 0.35 37.78 -7.58
CA PRO B 152 0.36 38.21 -8.99
C PRO B 152 1.07 39.55 -9.20
N GLY B 153 1.24 39.89 -10.48
CA GLY B 153 1.89 41.09 -10.93
C GLY B 153 1.21 42.40 -10.52
N PRO B 154 1.97 43.50 -10.58
CA PRO B 154 1.42 44.78 -10.10
C PRO B 154 0.27 45.31 -10.95
N HIS B 155 0.22 44.97 -12.24
CA HIS B 155 -0.84 45.48 -13.11
C HIS B 155 -1.52 44.33 -13.86
N SER B 156 -1.52 43.11 -13.28
CA SER B 156 -1.99 41.88 -13.90
C SER B 156 -3.51 41.71 -13.77
N PRO B 157 -4.14 40.98 -14.70
CA PRO B 157 -5.58 40.73 -14.57
C PRO B 157 -5.92 39.88 -13.36
N LEU B 158 -4.98 39.07 -12.89
CA LEU B 158 -5.26 38.24 -11.72
C LEU B 158 -5.35 39.09 -10.48
N ARG B 159 -4.41 40.03 -10.29
CA ARG B 159 -4.49 40.94 -9.16
C ARG B 159 -5.80 41.72 -9.18
N LYS B 160 -6.24 42.13 -10.38
CA LYS B 160 -7.48 42.89 -10.49
C LYS B 160 -8.68 42.05 -10.05
N ALA B 161 -8.71 40.77 -10.43
CA ALA B 161 -9.83 39.93 -10.04
C ALA B 161 -9.81 39.62 -8.55
N ILE B 162 -8.62 39.51 -7.96
CA ILE B 162 -8.49 39.17 -6.54
C ILE B 162 -8.80 40.39 -5.67
N GLU B 163 -8.42 41.58 -6.13
CA GLU B 163 -8.72 42.77 -5.35
C GLU B 163 -10.20 43.15 -5.47
N GLN B 164 -10.81 42.93 -6.63
CA GLN B 164 -12.22 43.24 -6.85
C GLN B 164 -13.16 42.16 -6.30
N MET B 165 -12.63 40.98 -5.99
CA MET B 165 -13.42 39.86 -5.47
C MET B 165 -14.21 40.23 -4.23
N GLU B 166 -15.45 39.72 -4.14
CA GLU B 166 -16.29 39.88 -2.96
C GLU B 166 -16.57 38.57 -2.26
N VAL B 167 -17.03 37.55 -2.98
CA VAL B 167 -17.24 36.23 -2.40
C VAL B 167 -16.50 35.21 -3.26
N LEU B 168 -16.11 34.11 -2.64
CA LEU B 168 -15.46 33.02 -3.33
C LEU B 168 -16.23 31.75 -3.02
N ILE B 169 -16.77 31.12 -4.05
CA ILE B 169 -17.53 29.89 -3.93
C ILE B 169 -16.58 28.73 -4.24
N LEU B 170 -16.37 27.85 -3.27
CA LEU B 170 -15.49 26.70 -3.40
C LEU B 170 -16.32 25.42 -3.31
N ASP B 171 -16.55 24.75 -4.44
CA ASP B 171 -17.29 23.49 -4.47
C ASP B 171 -16.36 22.28 -4.23
N GLU B 172 -16.96 21.15 -3.84
CA GLU B 172 -16.26 19.88 -3.54
C GLU B 172 -15.10 20.08 -2.56
N VAL B 173 -15.35 20.89 -1.52
CA VAL B 173 -14.35 21.25 -0.52
C VAL B 173 -13.79 20.04 0.23
N GLY B 174 -14.49 18.91 0.21
CA GLY B 174 -13.99 17.70 0.84
C GLY B 174 -12.73 17.18 0.19
N MET B 175 -12.55 17.46 -1.11
CA MET B 175 -11.39 17.03 -1.87
C MET B 175 -10.30 18.10 -1.88
N VAL B 176 -10.55 19.26 -1.30
CA VAL B 176 -9.54 20.31 -1.17
C VAL B 176 -8.61 19.95 -0.02
N ARG B 177 -7.32 19.77 -0.32
CA ARG B 177 -6.34 19.45 0.70
C ARG B 177 -6.02 20.67 1.56
N VAL B 178 -5.65 20.42 2.82
CA VAL B 178 -5.41 21.50 3.78
C VAL B 178 -4.42 22.53 3.24
N ASP B 179 -3.35 22.08 2.57
CA ASP B 179 -2.35 23.02 2.10
C ASP B 179 -2.92 23.92 1.01
N LEU B 180 -3.84 23.39 0.20
CA LEU B 180 -4.43 24.17 -0.88
C LEU B 180 -5.37 25.25 -0.31
N LEU B 181 -6.17 24.90 0.70
CA LEU B 181 -7.02 25.91 1.34
C LEU B 181 -6.18 27.00 2.03
N GLU B 182 -5.08 26.61 2.70
CA GLU B 182 -4.21 27.57 3.37
C GLU B 182 -3.55 28.51 2.38
N ALA B 183 -3.14 27.98 1.23
CA ALA B 183 -2.55 28.81 0.17
C ALA B 183 -3.59 29.77 -0.42
N MET B 184 -4.86 29.38 -0.51
CA MET B 184 -5.90 30.30 -0.96
C MET B 184 -6.06 31.44 0.04
N ASP B 185 -6.00 31.11 1.33
CA ASP B 185 -6.07 32.13 2.36
C ASP B 185 -4.91 33.10 2.22
N TRP B 186 -3.68 32.59 2.13
CA TRP B 186 -2.52 33.47 2.12
C TRP B 186 -2.45 34.29 0.84
N ALA B 187 -2.78 33.69 -0.30
CA ALA B 187 -2.76 34.42 -1.57
C ALA B 187 -3.74 35.60 -1.56
N LEU B 188 -4.94 35.40 -1.02
CA LEU B 188 -5.90 36.50 -0.95
C LEU B 188 -5.43 37.58 0.01
N ARG B 189 -4.79 37.17 1.11
CA ARG B 189 -4.28 38.12 2.09
C ARG B 189 -3.13 38.98 1.54
N LYS B 190 -2.18 38.35 0.84
CA LYS B 190 -1.01 39.09 0.33
C LYS B 190 -1.43 40.04 -0.77
N THR B 191 -2.29 39.58 -1.67
CA THR B 191 -2.71 40.38 -2.81
C THR B 191 -3.58 41.55 -2.36
N ARG B 192 -4.46 41.31 -1.40
CA ARG B 192 -5.39 42.32 -0.88
C ARG B 192 -4.81 43.15 0.27
N LYS B 193 -3.58 42.83 0.73
CA LYS B 193 -2.91 43.60 1.79
C LYS B 193 -3.76 43.72 3.06
N ARG B 194 -4.44 42.63 3.40
CA ARG B 194 -5.39 42.50 4.50
C ARG B 194 -4.99 41.30 5.37
N LEU B 195 -3.69 41.25 5.66
CA LEU B 195 -3.00 40.13 6.29
C LEU B 195 -3.57 39.77 7.65
N GLU B 196 -4.39 40.64 8.23
CA GLU B 196 -4.98 40.40 9.54
C GLU B 196 -6.25 39.57 9.48
N GLU B 197 -6.98 39.59 8.33
CA GLU B 197 -8.29 38.95 8.27
C GLU B 197 -8.31 37.77 7.31
N PRO B 198 -8.95 36.68 7.73
CA PRO B 198 -8.98 35.45 6.91
C PRO B 198 -9.50 35.68 5.51
N PHE B 199 -8.79 35.08 4.54
CA PHE B 199 -9.15 35.14 3.12
C PHE B 199 -9.19 36.58 2.60
N GLY B 200 -8.41 37.46 3.24
CA GLY B 200 -8.31 38.84 2.80
C GLY B 200 -9.62 39.59 2.88
N GLY B 201 -10.56 39.10 3.69
CA GLY B 201 -11.84 39.74 3.82
C GLY B 201 -12.86 39.28 2.80
N VAL B 202 -12.56 38.25 2.03
CA VAL B 202 -13.53 37.70 1.09
C VAL B 202 -14.48 36.79 1.85
N LYS B 203 -15.77 36.92 1.56
CA LYS B 203 -16.72 35.95 2.09
C LYS B 203 -16.56 34.65 1.32
N VAL B 204 -16.33 33.56 2.04
CA VAL B 204 -16.09 32.27 1.41
C VAL B 204 -17.31 31.38 1.61
N LEU B 205 -17.83 30.84 0.49
CA LEU B 205 -18.97 29.91 0.46
C LEU B 205 -18.42 28.55 0.07
N LEU B 206 -18.18 27.70 1.07
CA LEU B 206 -17.67 26.35 0.85
C LEU B 206 -18.84 25.37 0.77
N LEU B 207 -18.75 24.42 -0.17
CA LEU B 207 -19.75 23.36 -0.34
C LEU B 207 -19.05 22.04 -0.57
N GLY B 208 -19.60 20.95 -0.04
CA GLY B 208 -19.02 19.64 -0.30
C GLY B 208 -19.47 18.62 0.74
N ASP B 209 -18.74 17.50 0.81
CA ASP B 209 -19.13 16.39 1.70
C ASP B 209 -17.87 15.63 2.09
N THR B 210 -17.53 15.65 3.38
CA THR B 210 -16.36 14.92 3.89
C THR B 210 -16.55 13.40 3.92
N ARG B 211 -17.75 12.88 3.67
CA ARG B 211 -17.97 11.44 3.55
C ARG B 211 -17.74 10.92 2.14
N GLN B 212 -17.52 11.83 1.20
CA GLN B 212 -17.06 11.56 -0.15
C GLN B 212 -15.53 11.63 -0.12
N LEU B 213 -14.89 11.60 -1.29
CA LEU B 213 -13.47 11.34 -1.41
C LEU B 213 -12.61 12.31 -0.61
N GLU B 214 -11.70 11.75 0.18
CA GLU B 214 -10.73 12.51 0.94
C GLU B 214 -9.64 13.04 0.01
N PRO B 215 -8.87 14.02 0.46
CA PRO B 215 -7.80 14.56 -0.40
C PRO B 215 -6.75 13.52 -0.72
N VAL B 216 -6.11 13.72 -1.87
CA VAL B 216 -5.02 12.86 -2.32
C VAL B 216 -3.74 13.24 -1.56
N VAL B 217 -3.18 12.29 -0.81
CA VAL B 217 -1.90 12.51 -0.14
C VAL B 217 -0.88 11.47 -0.60
N PRO B 218 0.10 11.85 -1.40
CA PRO B 218 1.17 10.91 -1.77
C PRO B 218 2.14 10.71 -0.62
N GLY B 219 2.83 9.57 -0.66
CA GLY B 219 3.80 9.24 0.39
C GLY B 219 5.05 10.08 0.44
N GLY B 220 6.06 9.58 1.14
CA GLY B 220 7.33 10.26 1.29
C GLY B 220 7.18 11.51 2.14
N GLU B 221 8.18 12.39 2.00
CA GLU B 221 8.31 13.58 2.86
C GLU B 221 7.11 14.51 2.79
N GLU B 222 6.36 14.47 1.68
CA GLU B 222 5.19 15.32 1.52
C GLU B 222 4.11 14.94 2.54
N ALA B 223 3.86 13.64 2.72
CA ALA B 223 2.90 13.21 3.73
C ALA B 223 3.37 13.60 5.12
N LEU B 224 4.68 13.50 5.37
CA LEU B 224 5.19 13.83 6.71
C LEU B 224 5.03 15.31 7.00
N TYR B 225 5.26 16.16 5.99
CA TYR B 225 5.15 17.60 6.19
C TYR B 225 3.72 18.01 6.52
N ILE B 226 2.75 17.38 5.86
CA ILE B 226 1.34 17.67 6.13
C ILE B 226 0.98 17.27 7.55
N ALA B 227 1.45 16.09 8.00
CA ALA B 227 1.14 15.64 9.37
C ALA B 227 1.78 16.56 10.40
N ARG B 228 2.99 17.03 10.13
CA ARG B 228 3.68 17.89 11.08
C ARG B 228 3.05 19.28 11.11
N THR B 229 2.65 19.80 9.95
CA THR B 229 2.16 21.17 9.89
C THR B 229 0.71 21.29 10.35
N TRP B 230 -0.17 20.44 9.85
CA TRP B 230 -1.58 20.53 10.20
C TRP B 230 -2.15 19.34 11.00
N GLY B 231 -1.43 18.23 11.08
CA GLY B 231 -1.90 17.04 11.77
C GLY B 231 -2.85 16.18 10.94
N GLY B 232 -3.04 16.50 9.66
CA GLY B 232 -3.87 15.72 8.77
C GLY B 232 -4.15 16.56 7.54
N PRO B 233 -4.67 15.95 6.47
CA PRO B 233 -4.83 16.68 5.19
C PRO B 233 -6.17 17.35 4.95
N PHE B 234 -7.13 17.27 5.86
CA PHE B 234 -8.49 17.72 5.55
C PHE B 234 -8.60 19.24 5.65
N PHE B 235 -9.48 19.79 4.81
CA PHE B 235 -9.65 21.24 4.74
C PHE B 235 -9.91 21.87 6.10
N PHE B 236 -10.67 21.17 6.96
CA PHE B 236 -11.05 21.65 8.29
C PHE B 236 -9.88 21.64 9.28
N GLN B 237 -8.72 21.12 8.89
CA GLN B 237 -7.53 21.13 9.72
C GLN B 237 -6.63 22.35 9.44
N ALA B 238 -7.09 23.26 8.59
CA ALA B 238 -6.33 24.47 8.27
C ALA B 238 -6.37 25.50 9.40
N HIS B 239 -5.21 26.10 9.67
CA HIS B 239 -5.03 27.08 10.75
C HIS B 239 -5.94 28.31 10.62
N VAL B 240 -6.51 28.56 9.43
CA VAL B 240 -7.35 29.75 9.26
C VAL B 240 -8.62 29.63 10.10
N TRP B 241 -9.06 28.41 10.42
CA TRP B 241 -10.28 28.15 11.19
C TRP B 241 -10.11 28.46 12.67
N GLU B 242 -8.90 28.82 13.07
CA GLU B 242 -8.65 29.35 14.40
C GLU B 242 -9.00 30.83 14.44
N GLU B 243 -8.86 31.52 13.30
CA GLU B 243 -9.16 32.95 13.23
C GLU B 243 -10.65 33.19 12.97
N VAL B 244 -11.26 32.46 12.03
CA VAL B 244 -12.66 32.66 11.67
C VAL B 244 -13.45 31.38 11.96
N ALA B 245 -14.75 31.56 12.26
CA ALA B 245 -15.65 30.43 12.49
C ALA B 245 -16.37 30.04 11.21
N LEU B 246 -16.58 28.73 11.02
CA LEU B 246 -17.30 28.19 9.87
C LEU B 246 -18.75 27.90 10.26
N ARG B 247 -19.70 28.67 9.72
CA ARG B 247 -21.12 28.41 9.92
C ARG B 247 -21.58 27.33 8.95
N VAL B 248 -22.11 26.24 9.50
CA VAL B 248 -22.48 25.04 8.73
C VAL B 248 -23.99 25.03 8.49
N HIS B 249 -24.38 25.02 7.22
CA HIS B 249 -25.77 24.83 6.77
C HIS B 249 -25.89 23.46 6.11
N ARG B 250 -26.85 22.64 6.54
CA ARG B 250 -26.92 21.25 6.09
C ARG B 250 -28.13 21.00 5.19
N LEU B 251 -27.92 20.15 4.18
CA LEU B 251 -28.95 19.66 3.26
C LEU B 251 -29.16 18.16 3.47
N TRP B 252 -30.43 17.73 3.53
CA TRP B 252 -30.73 16.33 3.81
C TRP B 252 -31.51 15.60 2.73
N GLU B 253 -32.35 16.30 1.97
CA GLU B 253 -33.22 15.63 1.00
C GLU B 253 -32.48 15.25 -0.27
N SER B 254 -32.68 14.01 -0.72
CA SER B 254 -32.01 13.54 -1.92
C SER B 254 -32.71 14.10 -3.15
N GLN B 255 -31.98 14.91 -3.92
CA GLN B 255 -32.54 15.41 -5.18
C GLN B 255 -32.21 14.48 -6.35
N ARG B 256 -31.00 13.93 -6.37
CA ARG B 256 -30.58 13.06 -7.46
C ARG B 256 -31.40 11.78 -7.51
N GLN B 257 -31.66 11.17 -6.35
CA GLN B 257 -32.51 9.99 -6.30
C GLN B 257 -33.90 10.31 -5.74
N ARG B 258 -34.43 11.50 -6.05
CA ARG B 258 -35.72 11.88 -5.49
C ARG B 258 -36.87 11.04 -6.02
N GLU B 259 -36.70 10.39 -7.17
CA GLU B 259 -37.75 9.54 -7.72
C GLU B 259 -37.60 8.05 -7.36
N ASP B 260 -36.59 7.68 -6.55
CA ASP B 260 -36.39 6.31 -6.07
C ASP B 260 -36.13 6.37 -4.57
N PRO B 261 -37.15 6.65 -3.76
CA PRO B 261 -36.90 6.81 -2.31
C PRO B 261 -36.33 5.58 -1.61
N LEU B 262 -36.58 4.38 -2.13
CA LEU B 262 -35.98 3.18 -1.54
C LEU B 262 -34.48 3.14 -1.81
N PHE B 263 -34.07 3.54 -3.00
CA PHE B 263 -32.66 3.57 -3.35
C PHE B 263 -31.94 4.66 -2.57
N ALA B 264 -32.58 5.82 -2.43
CA ALA B 264 -32.02 6.92 -1.65
C ALA B 264 -31.77 6.49 -0.21
N GLU B 265 -32.70 5.74 0.37
CA GLU B 265 -32.53 5.31 1.75
C GLU B 265 -31.46 4.24 1.87
N LEU B 266 -31.29 3.42 0.84
CA LEU B 266 -30.19 2.46 0.86
C LEU B 266 -28.85 3.17 0.81
N LEU B 267 -28.74 4.23 -0.01
CA LEU B 267 -27.52 5.02 -0.04
C LEU B 267 -27.29 5.73 1.29
N LYS B 268 -28.37 6.16 1.96
CA LYS B 268 -28.24 6.82 3.25
C LYS B 268 -27.69 5.85 4.30
N ARG B 269 -28.11 4.58 4.25
CA ARG B 269 -27.59 3.60 5.20
C ARG B 269 -26.17 3.18 4.85
N LEU B 270 -25.85 3.11 3.55
CA LEU B 270 -24.49 2.80 3.16
C LEU B 270 -23.53 3.90 3.60
N ARG B 271 -24.00 5.15 3.62
CA ARG B 271 -23.18 6.28 4.08
C ARG B 271 -22.80 6.11 5.55
N GLN B 272 -23.68 5.53 6.36
CA GLN B 272 -23.49 5.27 7.78
C GLN B 272 -22.81 3.93 8.03
N GLY B 273 -22.36 3.23 6.99
CA GLY B 273 -21.68 1.96 7.14
C GLY B 273 -22.56 0.85 7.67
N ASP B 274 -23.75 0.68 7.08
CA ASP B 274 -24.69 -0.33 7.54
C ASP B 274 -24.39 -1.63 6.80
N PRO B 275 -23.99 -2.70 7.51
CA PRO B 275 -23.68 -3.95 6.80
C PRO B 275 -24.90 -4.63 6.19
N GLN B 276 -26.10 -4.37 6.74
CA GLN B 276 -27.32 -4.91 6.14
C GLN B 276 -27.58 -4.23 4.81
N ALA B 277 -27.33 -2.92 4.74
CA ALA B 277 -27.44 -2.22 3.47
C ALA B 277 -26.48 -2.79 2.45
N LEU B 278 -25.25 -3.11 2.88
CA LEU B 278 -24.26 -3.63 1.94
C LEU B 278 -24.69 -4.97 1.36
N GLU B 279 -25.19 -5.87 2.22
CA GLU B 279 -25.67 -7.17 1.76
C GLU B 279 -26.80 -7.03 0.74
N THR B 280 -27.69 -6.06 0.96
CA THR B 280 -28.80 -5.81 0.04
C THR B 280 -28.28 -5.25 -1.27
N LEU B 281 -27.30 -4.35 -1.20
CA LEU B 281 -26.67 -3.81 -2.39
C LEU B 281 -26.10 -4.93 -3.26
N ASN B 282 -25.42 -5.89 -2.64
CA ASN B 282 -24.80 -6.99 -3.36
C ASN B 282 -25.83 -7.81 -4.13
N ARG B 283 -26.89 -8.28 -3.46
CA ARG B 283 -27.82 -9.17 -4.15
C ARG B 283 -28.65 -8.42 -5.20
N ALA B 284 -28.72 -7.10 -5.12
CA ALA B 284 -29.47 -6.28 -6.05
C ALA B 284 -28.65 -5.81 -7.24
N ALA B 285 -27.38 -5.42 -7.04
CA ALA B 285 -26.61 -4.76 -8.08
C ALA B 285 -25.46 -5.56 -8.69
N VAL B 286 -25.11 -6.74 -8.17
CA VAL B 286 -23.98 -7.48 -8.71
C VAL B 286 -24.39 -8.13 -10.05
N ARG B 287 -23.90 -7.54 -11.15
CA ARG B 287 -24.09 -8.05 -12.52
C ARG B 287 -22.79 -7.85 -13.27
N PRO B 288 -21.90 -8.85 -13.30
CA PRO B 288 -20.58 -8.66 -13.95
C PRO B 288 -20.64 -8.15 -15.40
N ASP B 289 -21.74 -8.39 -16.11
CA ASP B 289 -21.86 -7.93 -17.48
C ASP B 289 -22.45 -6.54 -17.59
N GLY B 290 -22.69 -5.84 -16.47
CA GLY B 290 -23.26 -4.50 -16.53
C GLY B 290 -22.39 -3.52 -17.28
N GLY B 291 -21.07 -3.74 -17.32
CA GLY B 291 -20.19 -2.81 -17.97
C GLY B 291 -20.33 -2.81 -19.47
N GLU B 292 -20.71 -3.96 -20.04
CA GLU B 292 -20.78 -4.12 -21.49
C GLU B 292 -22.08 -3.60 -22.10
N GLU B 293 -22.91 -2.96 -21.33
CA GLU B 293 -24.17 -2.41 -21.81
C GLU B 293 -23.97 -1.00 -22.36
N PRO B 294 -24.86 -0.55 -23.24
CA PRO B 294 -24.68 0.76 -23.87
C PRO B 294 -24.99 1.90 -22.90
N GLY B 295 -24.38 3.06 -23.18
CA GLY B 295 -24.58 4.22 -22.33
C GLY B 295 -24.14 4.04 -20.89
N THR B 296 -23.20 3.14 -20.64
CA THR B 296 -22.73 2.86 -19.30
C THR B 296 -21.32 3.39 -19.13
N LEU B 297 -21.12 4.20 -18.09
CA LEU B 297 -19.77 4.60 -17.71
C LEU B 297 -19.23 3.64 -16.65
N ILE B 298 -18.02 3.11 -16.88
CA ILE B 298 -17.36 2.22 -15.92
C ILE B 298 -16.49 3.05 -14.98
N LEU B 299 -16.60 2.79 -13.69
CA LEU B 299 -15.77 3.45 -12.70
C LEU B 299 -14.80 2.44 -12.10
N THR B 300 -13.59 2.88 -11.82
CA THR B 300 -12.61 1.97 -11.26
C THR B 300 -11.75 2.75 -10.28
N PRO B 301 -11.20 2.09 -9.25
CA PRO B 301 -10.33 2.82 -8.33
C PRO B 301 -9.05 3.33 -8.96
N ARG B 302 -8.35 2.54 -9.80
CA ARG B 302 -7.02 2.89 -10.32
C ARG B 302 -7.01 3.20 -11.82
N ARG B 303 -6.09 4.11 -12.21
CA ARG B 303 -5.91 4.46 -13.62
C ARG B 303 -5.51 3.25 -14.46
N LYS B 304 -4.68 2.37 -13.91
CA LYS B 304 -4.23 1.19 -14.64
C LYS B 304 -5.37 0.24 -14.96
N GLU B 305 -6.35 0.14 -14.06
CA GLU B 305 -7.51 -0.71 -14.30
C GLU B 305 -8.42 -0.09 -15.35
N ALA B 306 -8.54 1.24 -15.34
CA ALA B 306 -9.32 1.89 -16.39
C ALA B 306 -8.65 1.67 -17.74
N ASP B 307 -7.32 1.64 -17.77
CA ASP B 307 -6.59 1.38 -19.01
C ASP B 307 -6.98 0.02 -19.61
N ALA B 308 -6.98 -1.04 -18.79
CA ALA B 308 -7.29 -2.37 -19.29
C ALA B 308 -8.74 -2.44 -19.80
N LEU B 309 -9.66 -1.80 -19.07
CA LEU B 309 -11.06 -1.80 -19.49
C LEU B 309 -11.25 -0.99 -20.76
N ASN B 310 -10.55 0.14 -20.88
CA ASN B 310 -10.64 0.97 -22.08
C ASN B 310 -10.03 0.30 -23.31
N LEU B 311 -9.09 -0.63 -23.12
CA LEU B 311 -8.49 -1.31 -24.27
C LEU B 311 -9.51 -2.19 -24.97
N LYS B 312 -10.35 -2.88 -24.21
CA LYS B 312 -11.32 -3.77 -24.83
C LYS B 312 -12.26 -2.98 -25.73
N ARG B 313 -12.75 -1.84 -25.27
CA ARG B 313 -13.67 -1.07 -26.08
C ARG B 313 -12.96 -0.39 -27.25
N LEU B 314 -11.65 -0.14 -27.12
CA LEU B 314 -10.89 0.46 -28.21
C LEU B 314 -10.71 -0.53 -29.35
N GLU B 315 -10.35 -1.78 -29.03
CA GLU B 315 -10.16 -2.82 -30.03
C GLU B 315 -11.44 -3.20 -30.77
N ALA B 316 -12.60 -2.80 -30.27
CA ALA B 316 -13.86 -3.10 -30.95
C ALA B 316 -14.32 -1.99 -31.89
N LEU B 317 -13.52 -0.95 -32.08
CA LEU B 317 -13.85 0.15 -32.98
C LEU B 317 -13.26 -0.09 -34.36
N PRO B 318 -14.00 0.26 -35.42
CA PRO B 318 -13.59 -0.12 -36.78
C PRO B 318 -12.49 0.75 -37.39
N GLY B 319 -12.05 1.79 -36.68
CA GLY B 319 -11.09 2.72 -37.24
C GLY B 319 -9.66 2.21 -37.22
N LYS B 320 -8.81 2.85 -38.02
CA LYS B 320 -7.39 2.56 -37.99
C LYS B 320 -6.80 3.19 -36.73
N PRO B 321 -5.98 2.48 -35.95
CA PRO B 321 -5.43 3.03 -34.71
C PRO B 321 -4.13 3.77 -34.91
N LEU B 322 -3.93 4.81 -34.10
CA LEU B 322 -2.70 5.61 -34.12
C LEU B 322 -2.08 5.64 -32.73
N GLU B 323 -0.81 5.28 -32.64
CA GLU B 323 -0.11 5.25 -31.36
C GLU B 323 0.61 6.57 -31.13
N TYR B 324 0.42 7.15 -29.94
CA TYR B 324 1.08 8.39 -29.51
C TYR B 324 2.14 8.02 -28.47
N GLN B 325 3.40 8.10 -28.88
CA GLN B 325 4.52 7.69 -28.05
C GLN B 325 4.99 8.88 -27.20
N ALA B 326 5.03 8.68 -25.89
CA ALA B 326 5.51 9.72 -24.98
C ALA B 326 7.03 9.80 -24.97
N GLN B 327 7.55 10.97 -24.63
CA GLN B 327 8.98 11.19 -24.42
C GLN B 327 9.24 11.40 -22.93
N VAL B 328 9.97 10.48 -22.30
CA VAL B 328 10.22 10.58 -20.86
C VAL B 328 11.69 10.86 -20.63
N LYS B 329 11.98 11.82 -19.77
CA LYS B 329 13.35 12.19 -19.42
C LYS B 329 13.55 12.07 -17.91
N GLY B 330 14.80 11.83 -17.53
CA GLY B 330 15.21 11.75 -16.13
C GLY B 330 14.43 10.70 -15.34
N GLU B 331 14.11 11.04 -14.07
CA GLU B 331 13.45 10.10 -13.16
C GLU B 331 11.95 10.32 -13.22
N PHE B 332 11.24 9.41 -13.86
CA PHE B 332 9.79 9.52 -13.92
C PHE B 332 9.22 8.11 -13.89
N ALA B 333 8.51 7.70 -12.84
CA ALA B 333 8.17 6.28 -12.81
C ALA B 333 6.85 6.05 -13.54
N GLU B 334 6.76 4.90 -14.23
CA GLU B 334 5.59 4.60 -15.07
C GLU B 334 4.30 4.64 -14.28
N THR B 335 4.36 4.35 -12.98
CA THR B 335 3.23 4.46 -12.08
C THR B 335 2.72 5.90 -11.97
N ASP B 336 3.61 6.87 -12.19
CA ASP B 336 3.32 8.29 -12.09
C ASP B 336 2.83 8.91 -13.41
N PHE B 337 2.81 8.15 -14.50
CA PHE B 337 2.41 8.70 -15.79
C PHE B 337 0.94 9.16 -15.75
N PRO B 338 0.64 10.42 -16.08
CA PRO B 338 -0.77 10.84 -16.17
C PRO B 338 -1.57 10.07 -17.20
N THR B 339 -0.90 9.52 -18.21
CA THR B 339 -1.59 8.75 -19.23
C THR B 339 -0.58 7.73 -19.75
N GLU B 340 -1.06 6.83 -20.61
CA GLU B 340 -0.23 5.78 -21.18
C GLU B 340 0.98 6.36 -21.95
N ALA B 341 2.12 5.69 -21.80
CA ALA B 341 3.29 6.07 -22.58
C ALA B 341 3.16 5.68 -24.04
N ALA B 342 2.51 4.55 -24.33
CA ALA B 342 2.13 4.24 -25.71
C ALA B 342 0.61 4.30 -25.74
N LEU B 343 0.09 5.50 -26.00
CA LEU B 343 -1.34 5.77 -26.07
C LEU B 343 -1.86 5.45 -27.46
N THR B 344 -2.63 4.38 -27.61
CA THR B 344 -3.28 4.09 -28.89
C THR B 344 -4.69 4.70 -28.90
N LEU B 345 -5.02 5.39 -29.99
CA LEU B 345 -6.34 5.98 -30.17
C LEU B 345 -6.92 5.62 -31.55
N LYS B 346 -8.25 5.65 -31.62
CA LYS B 346 -8.97 5.44 -32.87
C LYS B 346 -9.97 6.58 -33.03
N LYS B 347 -10.42 6.77 -34.25
CA LYS B 347 -11.43 7.77 -34.51
C LYS B 347 -12.74 7.33 -33.87
N GLY B 348 -13.40 8.26 -33.18
CA GLY B 348 -14.62 7.98 -32.46
C GLY B 348 -14.43 7.56 -31.02
N ALA B 349 -13.19 7.47 -30.54
CA ALA B 349 -12.92 7.04 -29.18
C ALA B 349 -13.44 8.07 -28.17
N GLN B 350 -14.01 7.58 -27.07
CA GLN B 350 -14.35 8.46 -25.97
C GLN B 350 -13.09 8.77 -25.19
N VAL B 351 -12.82 10.05 -24.97
CA VAL B 351 -11.62 10.46 -24.27
C VAL B 351 -11.98 11.52 -23.23
N ILE B 352 -11.04 11.76 -22.33
CA ILE B 352 -11.11 12.88 -21.41
C ILE B 352 -9.81 13.66 -21.52
N LEU B 353 -9.91 14.99 -21.50
CA LEU B 353 -8.75 15.86 -21.60
C LEU B 353 -8.15 16.11 -20.21
N LEU B 354 -6.81 16.13 -20.15
CA LEU B 354 -6.09 16.25 -18.89
C LEU B 354 -5.45 17.60 -18.63
N ARG B 355 -5.44 18.52 -19.58
CA ARG B 355 -4.79 19.79 -19.35
C ARG B 355 -5.68 20.91 -19.84
N ASN B 356 -5.46 22.10 -19.31
CA ASN B 356 -6.18 23.26 -19.77
C ASN B 356 -5.52 23.77 -21.04
N ASP B 357 -6.34 24.20 -21.99
CA ASP B 357 -5.80 24.75 -23.21
C ASP B 357 -5.23 26.13 -22.89
N PRO B 358 -3.98 26.42 -23.30
CA PRO B 358 -3.44 27.77 -23.05
C PRO B 358 -4.27 28.86 -23.69
N LEU B 359 -5.05 28.54 -24.72
CA LEU B 359 -5.89 29.51 -25.41
C LEU B 359 -7.33 29.52 -24.89
N GLY B 360 -7.73 28.55 -24.07
CA GLY B 360 -9.03 28.53 -23.43
C GLY B 360 -10.12 27.76 -24.14
N GLU B 361 -9.83 27.01 -25.20
CA GLU B 361 -10.89 26.28 -25.89
C GLU B 361 -11.32 25.01 -25.13
N TYR B 362 -10.39 24.31 -24.47
CA TYR B 362 -10.71 23.12 -23.68
C TYR B 362 -10.06 23.19 -22.31
N PHE B 363 -10.60 22.40 -21.37
CA PHE B 363 -10.10 22.39 -20.00
C PHE B 363 -9.87 20.98 -19.51
N ASN B 364 -9.12 20.87 -18.39
CA ASN B 364 -8.91 19.60 -17.72
C ASN B 364 -10.26 19.09 -17.23
N GLY B 365 -10.61 17.87 -17.63
CA GLY B 365 -11.90 17.27 -17.32
C GLY B 365 -12.90 17.27 -18.46
N ASP B 366 -12.58 17.85 -19.62
CA ASP B 366 -13.50 17.89 -20.76
C ASP B 366 -13.63 16.51 -21.40
N LEU B 367 -14.83 16.00 -21.48
CA LEU B 367 -15.06 14.75 -22.19
C LEU B 367 -15.29 15.06 -23.64
N GLY B 368 -15.00 14.08 -24.49
CA GLY B 368 -15.21 14.27 -25.92
C GLY B 368 -14.89 13.00 -26.68
N TRP B 369 -14.87 13.15 -28.02
CA TRP B 369 -14.67 12.07 -28.98
C TRP B 369 -13.61 12.46 -29.98
N VAL B 370 -12.74 11.51 -30.32
CA VAL B 370 -11.71 11.73 -31.33
C VAL B 370 -12.36 11.82 -32.71
N GLU B 371 -12.00 12.86 -33.48
CA GLU B 371 -12.41 13.00 -34.87
C GLU B 371 -11.29 12.80 -35.87
N ASP B 372 -10.09 13.30 -35.61
CA ASP B 372 -8.97 13.20 -36.53
C ASP B 372 -7.73 12.78 -35.74
N LEU B 373 -6.92 11.91 -36.32
CA LEU B 373 -5.69 11.43 -35.69
C LEU B 373 -4.52 11.68 -36.63
N GLU B 374 -3.60 12.54 -36.22
CA GLU B 374 -2.39 12.80 -36.97
C GLU B 374 -1.17 12.78 -36.05
N ALA B 375 0.00 12.86 -36.68
CA ALA B 375 1.26 12.92 -35.95
C ALA B 375 1.28 14.13 -35.01
N GLU B 376 1.44 13.87 -33.72
CA GLU B 376 1.59 14.90 -32.69
C GLU B 376 0.39 15.82 -32.60
N ALA B 377 -0.73 15.49 -33.25
CA ALA B 377 -1.89 16.36 -33.19
C ALA B 377 -3.14 15.54 -33.46
N LEU B 378 -4.21 15.81 -32.71
CA LEU B 378 -5.48 15.15 -32.93
C LEU B 378 -6.64 16.13 -32.69
N ALA B 379 -7.79 15.80 -33.26
CA ALA B 379 -8.99 16.61 -33.13
C ALA B 379 -9.95 15.92 -32.17
N VAL B 380 -10.58 16.70 -31.30
CA VAL B 380 -11.55 16.20 -30.33
C VAL B 380 -12.80 17.06 -30.41
N ARG B 381 -13.95 16.40 -30.51
CA ARG B 381 -15.25 17.04 -30.46
C ARG B 381 -15.72 17.00 -29.00
N LEU B 382 -15.90 18.18 -28.41
CA LEU B 382 -16.23 18.28 -26.99
C LEU B 382 -17.71 18.00 -26.73
N LYS B 383 -17.97 17.25 -25.67
CA LYS B 383 -19.34 17.05 -25.22
C LYS B 383 -19.90 18.32 -24.61
N ARG B 384 -19.06 19.12 -23.96
CA ARG B 384 -19.53 20.31 -23.24
C ARG B 384 -20.22 21.32 -24.17
N ASN B 385 -19.62 21.61 -25.33
CA ASN B 385 -20.21 22.60 -26.21
C ASN B 385 -20.29 22.15 -27.67
N GLY B 386 -19.98 20.90 -27.97
CA GLY B 386 -20.05 20.45 -29.35
C GLY B 386 -19.08 21.14 -30.28
N ARG B 387 -18.03 21.75 -29.75
CA ARG B 387 -17.01 22.35 -30.59
C ARG B 387 -15.85 21.39 -30.80
N ARG B 388 -15.03 21.73 -31.78
CA ARG B 388 -13.94 20.90 -32.28
C ARG B 388 -12.62 21.53 -31.85
N VAL B 389 -11.85 20.84 -31.01
CA VAL B 389 -10.58 21.37 -30.53
C VAL B 389 -9.42 20.46 -30.95
N VAL B 390 -8.26 21.07 -31.24
CA VAL B 390 -7.07 20.34 -31.66
C VAL B 390 -6.10 20.20 -30.49
N ILE B 391 -5.71 18.94 -30.18
CA ILE B 391 -4.89 18.57 -29.02
C ILE B 391 -3.44 18.34 -29.46
N ARG B 392 -2.50 19.04 -28.82
CA ARG B 392 -1.07 18.81 -29.04
C ARG B 392 -0.37 18.36 -27.76
N PRO B 393 0.85 17.83 -27.82
CA PRO B 393 1.51 17.33 -26.60
C PRO B 393 1.80 18.42 -25.56
N PHE B 394 1.69 18.03 -24.28
CA PHE B 394 2.03 18.82 -23.10
C PHE B 394 3.18 18.14 -22.33
N VAL B 395 3.84 18.92 -21.48
CA VAL B 395 4.91 18.40 -20.64
C VAL B 395 4.40 18.32 -19.20
N TRP B 396 4.79 17.25 -18.49
CA TRP B 396 4.52 17.05 -17.07
C TRP B 396 5.84 16.93 -16.31
N GLU B 397 5.94 17.62 -15.19
CA GLU B 397 7.12 17.54 -14.34
C GLU B 397 6.88 16.59 -13.20
N LYS B 398 7.89 15.78 -12.88
CA LYS B 398 7.87 14.93 -11.69
C LYS B 398 8.66 15.64 -10.63
N ILE B 399 8.03 15.89 -9.49
CA ILE B 399 8.66 16.58 -8.38
C ILE B 399 8.89 15.63 -7.21
N VAL B 400 10.10 15.67 -6.67
CA VAL B 400 10.55 14.88 -5.53
C VAL B 400 11.01 15.82 -4.42
N TYR B 401 10.74 15.45 -3.16
CA TYR B 401 11.01 16.27 -1.98
C TYR B 401 12.14 15.66 -1.14
N THR B 402 13.16 16.47 -0.83
CA THR B 402 14.46 16.06 -0.31
C THR B 402 14.64 16.14 1.22
N TYR B 403 14.06 17.09 1.96
CA TYR B 403 14.30 17.08 3.44
C TYR B 403 15.74 17.18 3.97
N ASP B 404 16.42 18.30 3.70
CA ASP B 404 17.80 18.48 4.15
C ASP B 404 17.91 18.29 5.66
N SER B 405 18.96 17.57 6.05
CA SER B 405 19.16 17.04 7.40
C SER B 405 19.61 18.11 8.39
N GLU B 406 20.60 18.93 8.01
CA GLU B 406 21.13 19.97 8.89
C GLU B 406 20.07 21.05 9.13
N ARG B 407 19.25 21.33 8.12
CA ARG B 407 18.17 22.31 8.18
C ARG B 407 16.87 21.56 8.49
N GLU B 408 15.93 22.26 9.10
CA GLU B 408 14.69 21.65 9.52
C GLU B 408 13.69 21.57 8.37
N GLU B 409 14.15 21.76 7.14
CA GLU B 409 13.28 22.11 6.03
C GLU B 409 13.26 21.05 4.92
N ILE B 410 12.16 21.05 4.18
CA ILE B 410 11.91 20.22 3.02
C ILE B 410 12.00 21.10 1.78
N LYS B 411 12.50 20.54 0.67
CA LYS B 411 12.63 21.31 -0.58
C LYS B 411 12.23 20.49 -1.81
N PRO B 412 11.43 21.03 -2.70
CA PRO B 412 11.07 20.31 -3.93
C PRO B 412 12.14 20.46 -5.01
N GLN B 413 12.21 19.47 -5.88
CA GLN B 413 13.13 19.44 -7.02
C GLN B 413 12.49 18.62 -8.14
N VAL B 414 12.57 19.15 -9.37
CA VAL B 414 12.12 18.46 -10.57
C VAL B 414 13.16 17.42 -10.95
N VAL B 415 12.72 16.18 -11.13
CA VAL B 415 13.63 15.09 -11.45
C VAL B 415 13.36 14.45 -12.81
N GLY B 416 12.23 14.73 -13.44
CA GLY B 416 11.99 14.16 -14.76
C GLY B 416 10.80 14.79 -15.43
N THR B 417 10.69 14.56 -16.73
CA THR B 417 9.58 15.08 -17.52
C THR B 417 8.95 13.99 -18.37
N PHE B 418 7.67 14.20 -18.65
CA PHE B 418 6.82 13.32 -19.44
C PHE B 418 6.11 14.21 -20.46
N ARG B 419 6.31 13.93 -21.75
CA ARG B 419 5.69 14.71 -22.83
C ARG B 419 4.80 13.80 -23.64
N GLN B 420 3.52 14.16 -23.76
CA GLN B 420 2.51 13.29 -24.34
C GLN B 420 1.27 14.15 -24.58
N VAL B 421 0.40 13.69 -25.49
CA VAL B 421 -0.89 14.37 -25.69
C VAL B 421 -1.75 14.20 -24.45
N PRO B 422 -2.38 15.27 -23.93
CA PRO B 422 -3.08 15.18 -22.62
C PRO B 422 -4.46 14.55 -22.77
N VAL B 423 -4.47 13.29 -23.15
CA VAL B 423 -5.67 12.58 -23.53
C VAL B 423 -5.67 11.27 -22.78
N ARG B 424 -6.84 10.82 -22.39
CA ARG B 424 -6.97 9.51 -21.82
C ARG B 424 -8.30 8.95 -22.33
N LEU B 425 -8.33 7.65 -22.65
CA LEU B 425 -9.60 7.04 -23.04
C LEU B 425 -10.60 7.10 -21.90
N ALA B 426 -11.88 7.32 -22.22
CA ALA B 426 -12.89 7.63 -21.20
C ALA B 426 -14.15 6.76 -21.26
N TRP B 427 -14.04 5.49 -21.63
CA TRP B 427 -15.17 4.59 -21.39
C TRP B 427 -15.18 4.16 -19.93
N ALA B 428 -13.99 3.99 -19.36
CA ALA B 428 -13.76 3.71 -17.95
C ALA B 428 -12.96 4.84 -17.35
N LEU B 429 -13.40 5.35 -16.21
CA LEU B 429 -12.71 6.42 -15.51
C LEU B 429 -12.59 6.10 -14.03
N THR B 430 -11.66 6.78 -13.37
CA THR B 430 -11.49 6.61 -11.94
C THR B 430 -12.67 7.24 -11.19
N VAL B 431 -12.91 6.74 -9.98
CA VAL B 431 -13.98 7.29 -9.14
C VAL B 431 -13.71 8.76 -8.90
N HIS B 432 -12.43 9.14 -8.82
CA HIS B 432 -12.03 10.54 -8.62
C HIS B 432 -12.55 11.45 -9.75
N LYS B 433 -12.50 10.99 -11.00
CA LYS B 433 -12.98 11.83 -12.08
C LYS B 433 -14.51 11.91 -12.11
N ALA B 434 -15.21 11.07 -11.34
CA ALA B 434 -16.67 11.07 -11.41
C ALA B 434 -17.32 11.91 -10.32
N GLN B 435 -16.59 12.23 -9.27
CA GLN B 435 -17.16 12.93 -8.11
C GLN B 435 -17.73 14.28 -8.52
N GLY B 436 -19.02 14.48 -8.29
CA GLY B 436 -19.72 15.68 -8.69
C GLY B 436 -20.70 15.47 -9.82
N LEU B 437 -20.54 14.40 -10.60
CA LEU B 437 -21.35 14.19 -11.79
C LEU B 437 -22.62 13.42 -11.45
N THR B 438 -23.66 13.68 -12.24
CA THR B 438 -24.85 12.82 -12.28
C THR B 438 -24.77 12.02 -13.58
N LEU B 439 -24.59 10.72 -13.46
CA LEU B 439 -24.41 9.83 -14.58
C LEU B 439 -25.68 9.04 -14.83
N ASP B 440 -25.95 8.74 -16.10
CA ASP B 440 -27.16 8.01 -16.46
C ASP B 440 -27.05 6.55 -16.06
N LYS B 441 -25.86 5.96 -16.14
CA LYS B 441 -25.66 4.55 -15.86
C LYS B 441 -24.20 4.33 -15.54
N VAL B 442 -23.95 3.60 -14.45
CA VAL B 442 -22.62 3.37 -13.88
C VAL B 442 -22.43 1.88 -13.61
N HIS B 443 -21.23 1.38 -13.91
CA HIS B 443 -20.80 0.03 -13.56
C HIS B 443 -19.49 0.15 -12.78
N LEU B 444 -19.51 -0.21 -11.49
CA LEU B 444 -18.30 -0.17 -10.69
C LEU B 444 -17.49 -1.45 -10.86
N GLU B 445 -16.28 -1.33 -11.40
CA GLU B 445 -15.32 -2.43 -11.47
C GLU B 445 -14.39 -2.35 -10.26
N LEU B 446 -14.55 -3.29 -9.32
CA LEU B 446 -13.79 -3.22 -8.07
C LEU B 446 -12.29 -3.38 -8.28
N GLY B 447 -11.88 -4.14 -9.31
CA GLY B 447 -10.47 -4.42 -9.56
C GLY B 447 -9.74 -4.99 -8.34
N ARG B 448 -8.56 -4.44 -8.04
CA ARG B 448 -7.79 -4.88 -6.88
C ARG B 448 -8.31 -4.29 -5.57
N GLY B 449 -9.39 -3.52 -5.58
CA GLY B 449 -10.06 -3.14 -4.36
C GLY B 449 -10.09 -1.64 -4.12
N LEU B 450 -10.87 -1.28 -3.11
CA LEU B 450 -11.04 0.12 -2.71
C LEU B 450 -9.91 0.52 -1.77
N PHE B 451 -9.39 1.72 -1.95
CA PHE B 451 -8.25 2.20 -1.18
C PHE B 451 -8.44 3.59 -0.58
N ALA B 452 -9.46 4.34 -0.95
CA ALA B 452 -9.63 5.68 -0.40
C ALA B 452 -10.95 5.78 0.36
N HIS B 453 -10.93 6.60 1.41
CA HIS B 453 -12.13 6.90 2.16
C HIS B 453 -13.11 7.66 1.27
N GLY B 454 -14.37 7.23 1.29
CA GLY B 454 -15.40 7.85 0.47
C GLY B 454 -15.51 7.33 -0.94
N GLN B 455 -14.60 6.44 -1.36
CA GLN B 455 -14.52 6.01 -2.76
C GLN B 455 -15.76 5.21 -3.15
N LEU B 456 -16.09 4.19 -2.36
CA LEU B 456 -17.27 3.39 -2.66
C LEU B 456 -18.52 4.27 -2.65
N TYR B 457 -18.66 5.13 -1.62
CA TYR B 457 -19.82 6.01 -1.53
C TYR B 457 -19.97 6.87 -2.78
N VAL B 458 -18.87 7.44 -3.27
CA VAL B 458 -18.98 8.27 -4.47
C VAL B 458 -19.45 7.42 -5.65
N ALA B 459 -18.87 6.23 -5.81
CA ALA B 459 -19.20 5.38 -6.96
C ALA B 459 -20.69 5.10 -7.00
N LEU B 460 -21.29 4.79 -5.84
CA LEU B 460 -22.67 4.34 -5.83
C LEU B 460 -23.69 5.45 -5.96
N THR B 461 -23.32 6.70 -5.66
CA THR B 461 -24.28 7.79 -5.60
C THR B 461 -24.34 8.61 -6.87
N ARG B 462 -23.75 8.14 -7.98
CA ARG B 462 -23.75 8.96 -9.19
C ARG B 462 -25.06 8.87 -9.99
N VAL B 463 -25.89 7.84 -9.79
CA VAL B 463 -27.07 7.55 -10.61
C VAL B 463 -28.37 7.88 -9.87
N ARG B 464 -29.45 8.03 -10.64
CA ARG B 464 -30.73 8.41 -10.04
C ARG B 464 -31.47 7.20 -9.48
N ARG B 465 -31.43 6.07 -10.16
CA ARG B 465 -32.21 4.88 -9.81
C ARG B 465 -31.28 3.69 -9.60
N LEU B 466 -31.73 2.77 -8.74
CA LEU B 466 -30.96 1.54 -8.46
C LEU B 466 -30.75 0.73 -9.73
N GLN B 467 -31.72 0.80 -10.64
CA GLN B 467 -31.66 0.15 -11.94
C GLN B 467 -30.43 0.61 -12.73
N ASP B 468 -29.99 1.86 -12.55
CA ASP B 468 -28.87 2.43 -13.29
C ASP B 468 -27.48 1.99 -12.77
N LEU B 469 -27.41 1.19 -11.70
CA LEU B 469 -26.15 0.85 -11.03
C LEU B 469 -25.85 -0.64 -11.13
N SER B 470 -24.58 -0.98 -11.40
CA SER B 470 -24.14 -2.38 -11.36
C SER B 470 -22.73 -2.48 -10.76
N LEU B 471 -22.45 -3.62 -10.13
CA LEU B 471 -21.14 -3.90 -9.52
C LEU B 471 -20.50 -5.12 -10.17
N SER B 472 -19.16 -5.11 -10.26
CA SER B 472 -18.45 -6.26 -10.83
C SER B 472 -18.48 -7.47 -9.89
N ARG B 473 -18.60 -7.23 -8.60
CA ARG B 473 -18.54 -8.32 -7.62
C ARG B 473 -19.12 -7.81 -6.31
N PRO B 474 -19.51 -8.71 -5.40
CA PRO B 474 -20.00 -8.27 -4.10
C PRO B 474 -18.90 -7.62 -3.27
N ILE B 475 -19.31 -6.63 -2.47
CA ILE B 475 -18.42 -5.89 -1.58
C ILE B 475 -18.66 -6.35 -0.15
N ALA B 476 -17.49 -6.65 0.64
CA ALA B 476 -17.48 -7.06 2.04
C ALA B 476 -17.41 -5.85 2.96
N PRO B 477 -17.96 -5.96 4.18
CA PRO B 477 -17.97 -4.80 5.10
C PRO B 477 -16.59 -4.39 5.54
N THR B 478 -15.65 -5.34 5.62
CA THR B 478 -14.27 -5.08 5.97
C THR B 478 -13.53 -4.22 4.94
N GLU B 479 -14.09 -4.05 3.73
CA GLU B 479 -13.45 -3.22 2.71
C GLU B 479 -13.72 -1.72 2.92
N LEU B 480 -14.84 -1.39 3.56
CA LEU B 480 -15.23 0.00 3.84
C LEU B 480 -14.22 0.73 4.73
N LEU B 481 -13.69 1.85 4.25
CA LEU B 481 -12.72 2.69 4.97
C LEU B 481 -13.41 3.89 5.63
N TRP B 482 -12.96 4.22 6.84
CA TRP B 482 -13.50 5.35 7.62
C TRP B 482 -12.38 6.09 8.35
N ARG B 483 -12.32 7.40 8.16
CA ARG B 483 -11.29 8.20 8.80
C ARG B 483 -11.84 8.78 10.10
N PRO B 484 -11.20 8.54 11.25
CA PRO B 484 -11.76 9.05 12.51
C PRO B 484 -11.79 10.57 12.57
N GLU B 485 -10.90 11.25 11.83
CA GLU B 485 -10.92 12.71 11.80
C GLU B 485 -12.25 13.22 11.24
N VAL B 486 -12.76 12.55 10.20
CA VAL B 486 -14.04 12.92 9.61
C VAL B 486 -15.18 12.73 10.62
N GLU B 487 -15.13 11.63 11.39
CA GLU B 487 -16.17 11.36 12.39
C GLU B 487 -16.26 12.49 13.43
N VAL B 488 -15.12 12.93 13.97
CA VAL B 488 -15.13 14.00 14.97
C VAL B 488 -15.59 15.30 14.34
N PHE B 489 -15.26 15.54 13.06
CA PHE B 489 -15.72 16.73 12.38
C PHE B 489 -17.23 16.68 12.15
N GLU B 490 -17.71 15.59 11.55
CA GLU B 490 -19.15 15.41 11.31
C GLU B 490 -19.97 15.53 12.59
N THR B 491 -19.40 15.20 13.74
CA THR B 491 -20.16 15.28 14.98
C THR B 491 -20.12 16.69 15.57
N ARG B 492 -18.99 17.39 15.45
CA ARG B 492 -18.91 18.76 15.99
C ARG B 492 -19.74 19.74 15.19
N ILE B 493 -19.90 19.53 13.88
CA ILE B 493 -20.67 20.48 13.05
C ILE B 493 -22.18 20.27 13.20
N GLN B 494 -22.62 19.25 13.94
CA GLN B 494 -24.05 19.07 14.20
C GLN B 494 -24.60 20.23 15.03
N GLU B 495 -23.74 20.87 15.82
CA GLU B 495 -24.08 22.09 16.53
C GLU B 495 -24.23 23.29 15.60
N GLY B 496 -23.72 23.22 14.36
CA GLY B 496 -23.85 24.31 13.42
C GLY B 496 -22.63 25.19 13.23
N ILE B 497 -21.54 24.95 13.97
CA ILE B 497 -20.35 25.79 13.90
C ILE B 497 -19.14 24.85 13.89
N TRP B 498 -18.17 25.15 13.04
CA TRP B 498 -16.86 24.50 13.08
C TRP B 498 -15.83 25.54 13.52
N GLN B 499 -15.32 25.34 14.73
CA GLN B 499 -14.27 26.16 15.31
C GLN B 499 -13.08 25.25 15.63
N LYS B 500 -11.90 25.63 15.16
CA LYS B 500 -10.71 24.82 15.43
C LYS B 500 -10.11 25.22 16.77
N SER B 501 -9.38 24.27 17.38
CA SER B 501 -8.63 24.46 18.62
C SER B 501 -7.19 24.92 18.34
N HIS B 502 -6.59 25.53 19.37
CA HIS B 502 -5.27 26.20 19.30
C HIS B 502 -5.39 27.50 18.52
#